data_8A4W
#
_entry.id   8A4W
#
_cell.length_a   57.310
_cell.length_b   62.580
_cell.length_c   68.160
_cell.angle_alpha   105.674
_cell.angle_beta   93.333
_cell.angle_gamma   115.300
#
_symmetry.space_group_name_H-M   'P 1'
#
loop_
_entity.id
_entity.type
_entity.pdbx_description
1 polymer 'Cathepsin L'
2 non-polymer N-(1-naphthylsulfonyl)-(L)-isoleucyl-(L)-tryptophanol
3 non-polymer DI(HYDROXYETHYL)ETHER
4 non-polymer 1,2-ETHANEDIOL
5 non-polymer 'DIMETHYL SULFOXIDE'
6 non-polymer 'TETRAETHYLENE GLYCOL'
7 non-polymer 'SODIUM ION'
8 water water
#
_entity_poly.entity_id   1
_entity_poly.type   'polypeptide(L)'
_entity_poly.pdbx_seq_one_letter_code
;APRSVDWREKGYVTPVKNQGQCGSCWAFSATGALEGQMFRKTGRLISLSEQNLVDCSGPQGNEGCNGGLMDYAFQYVQDN
GGLDSEESYPYEATEESCKYNPKYSVANDAGFVDIPKQEKALMKAVATVGPISVAIDAGHESFLFYKEGIYFEPDCSSED
MDHGVLVVGYGFESTESDNNKYWLVKNSWGEEWGMGGYVKMAKDRRNHCGIASAASYPTV
;
_entity_poly.pdbx_strand_id   A,B,C,D
#
loop_
_chem_comp.id
_chem_comp.type
_chem_comp.name
_chem_comp.formula
DMS non-polymer 'DIMETHYL SULFOXIDE' 'C2 H6 O S'
EDO non-polymer 1,2-ETHANEDIOL 'C2 H6 O2'
L2F non-polymer N-(1-naphthylsulfonyl)-(L)-isoleucyl-(L)-tryptophanol 'C27 H31 N3 O4 S'
NA non-polymer 'SODIUM ION' 'Na 1'
PEG non-polymer DI(HYDROXYETHYL)ETHER 'C4 H10 O3'
PG4 non-polymer 'TETRAETHYLENE GLYCOL' 'C8 H18 O5'
#
# COMPACT_ATOMS: atom_id res chain seq x y z
N ALA A 1 -13.27 12.13 -13.50
CA ALA A 1 -13.61 11.58 -12.20
C ALA A 1 -12.37 11.65 -11.30
N PRO A 2 -12.55 11.43 -10.00
CA PRO A 2 -11.37 11.33 -9.12
C PRO A 2 -10.53 10.15 -9.54
N ARG A 3 -9.23 10.22 -9.23
N ARG A 3 -9.23 10.21 -9.23
CA ARG A 3 -8.34 9.10 -9.48
CA ARG A 3 -8.34 9.09 -9.50
C ARG A 3 -8.47 8.00 -8.43
C ARG A 3 -8.39 8.02 -8.41
N SER A 4 -8.95 8.33 -7.23
N SER A 4 -9.01 8.31 -7.27
CA SER A 4 -9.12 7.35 -6.17
CA SER A 4 -9.14 7.35 -6.20
C SER A 4 -10.40 7.65 -5.41
C SER A 4 -10.41 7.65 -5.42
N VAL A 5 -11.11 6.59 -5.03
CA VAL A 5 -12.37 6.67 -4.27
C VAL A 5 -12.38 5.52 -3.27
N ASP A 6 -12.85 5.78 -2.04
CA ASP A 6 -13.03 4.70 -1.06
C ASP A 6 -14.21 5.04 -0.15
N TRP A 7 -15.37 4.45 -0.44
CA TRP A 7 -16.58 4.76 0.33
C TRP A 7 -16.52 4.27 1.77
N ARG A 8 -15.58 3.38 2.11
CA ARG A 8 -15.47 2.96 3.50
C ARG A 8 -15.11 4.13 4.40
N GLU A 9 -14.28 5.06 3.89
CA GLU A 9 -13.89 6.23 4.67
C GLU A 9 -15.04 7.19 4.91
N LYS A 10 -16.13 7.06 4.16
CA LYS A 10 -17.27 7.95 4.31
C LYS A 10 -18.42 7.31 5.08
N GLY A 11 -18.25 6.08 5.55
CA GLY A 11 -19.25 5.44 6.39
C GLY A 11 -20.31 4.64 5.67
N TYR A 12 -20.09 4.30 4.41
CA TYR A 12 -21.12 3.67 3.59
C TYR A 12 -21.13 2.14 3.70
N VAL A 13 -20.16 1.52 4.39
CA VAL A 13 -19.89 0.10 4.22
C VAL A 13 -19.82 -0.61 5.57
N THR A 14 -20.60 -1.69 5.69
CA THR A 14 -20.56 -2.53 6.89
C THR A 14 -19.34 -3.43 6.86
N PRO A 15 -19.01 -4.06 8.00
CA PRO A 15 -17.91 -5.03 8.00
C PRO A 15 -18.15 -6.17 7.02
N VAL A 16 -17.06 -6.88 6.72
CA VAL A 16 -17.12 -8.03 5.82
C VAL A 16 -17.91 -9.15 6.48
N LYS A 17 -18.77 -9.77 5.70
CA LYS A 17 -19.63 -10.87 6.13
C LYS A 17 -19.13 -12.16 5.47
N ASN A 18 -19.79 -13.27 5.82
CA ASN A 18 -19.38 -14.58 5.31
C ASN A 18 -20.61 -15.36 4.90
N GLN A 19 -20.76 -15.60 3.60
CA GLN A 19 -21.90 -16.31 3.07
C GLN A 19 -21.85 -17.81 3.37
N GLY A 20 -20.74 -18.32 3.88
CA GLY A 20 -20.70 -19.76 4.16
C GLY A 20 -20.78 -20.60 2.91
N GLN A 21 -21.32 -21.82 3.08
CA GLN A 21 -21.42 -22.78 1.98
C GLN A 21 -22.82 -22.75 1.38
N CYS A 22 -23.10 -21.60 0.76
CA CYS A 22 -24.40 -21.33 0.17
C CYS A 22 -24.14 -20.33 -0.95
N GLY A 23 -24.72 -20.58 -2.13
CA GLY A 23 -24.53 -19.72 -3.28
C GLY A 23 -25.37 -18.46 -3.23
N SER A 24 -25.19 -17.67 -2.18
CA SER A 24 -25.99 -16.47 -1.90
C SER A 24 -25.21 -15.19 -2.10
N CYS A 25 -24.10 -15.25 -2.84
CA CYS A 25 -23.29 -14.07 -3.06
C CYS A 25 -24.13 -12.89 -3.55
N TRP A 26 -25.10 -13.17 -4.42
CA TRP A 26 -25.95 -12.13 -4.96
C TRP A 26 -26.68 -11.38 -3.86
N ALA A 27 -27.03 -12.07 -2.78
CA ALA A 27 -27.74 -11.42 -1.68
C ALA A 27 -26.82 -10.51 -0.87
N PHE A 28 -25.56 -10.93 -0.68
CA PHE A 28 -24.57 -10.08 0.01
C PHE A 28 -24.21 -8.86 -0.82
N SER A 29 -24.06 -9.04 -2.14
CA SER A 29 -23.83 -7.90 -3.01
C SER A 29 -24.98 -6.92 -2.91
N ALA A 30 -26.22 -7.44 -2.95
CA ALA A 30 -27.39 -6.57 -2.91
C ALA A 30 -27.50 -5.84 -1.59
N THR A 31 -27.33 -6.54 -0.46
CA THR A 31 -27.39 -5.85 0.82
C THR A 31 -26.29 -4.80 0.95
N GLY A 32 -25.10 -5.11 0.43
CA GLY A 32 -24.04 -4.11 0.46
C GLY A 32 -24.41 -2.83 -0.26
N ALA A 33 -24.97 -2.97 -1.48
CA ALA A 33 -25.34 -1.77 -2.23
C ALA A 33 -26.48 -1.01 -1.55
N LEU A 34 -27.46 -1.76 -1.01
CA LEU A 34 -28.58 -1.10 -0.33
C LEU A 34 -28.14 -0.45 0.99
N GLU A 35 -27.19 -1.07 1.70
CA GLU A 35 -26.65 -0.47 2.91
C GLU A 35 -26.04 0.89 2.60
N GLY A 36 -25.31 0.96 1.49
CA GLY A 36 -24.70 2.21 1.08
C GLY A 36 -25.73 3.27 0.71
N GLN A 37 -26.74 2.89 -0.06
CA GLN A 37 -27.74 3.88 -0.48
C GLN A 37 -28.64 4.29 0.67
N MET A 38 -28.97 3.38 1.58
CA MET A 38 -29.71 3.78 2.77
C MET A 38 -28.90 4.77 3.61
N PHE A 39 -27.60 4.52 3.76
CA PHE A 39 -26.76 5.45 4.52
C PHE A 39 -26.71 6.81 3.86
N ARG A 40 -26.61 6.83 2.52
CA ARG A 40 -26.65 8.09 1.79
C ARG A 40 -27.91 8.88 2.10
N LYS A 41 -29.03 8.19 2.30
CA LYS A 41 -30.30 8.88 2.55
C LYS A 41 -30.43 9.32 4.01
N THR A 42 -30.17 8.42 4.95
CA THR A 42 -30.51 8.63 6.35
C THR A 42 -29.34 8.97 7.25
N GLY A 43 -28.12 8.74 6.80
CA GLY A 43 -26.96 8.90 7.66
C GLY A 43 -26.78 7.80 8.68
N ARG A 44 -27.54 6.71 8.56
CA ARG A 44 -27.45 5.58 9.49
C ARG A 44 -27.08 4.33 8.69
N LEU A 45 -25.99 3.70 9.09
CA LEU A 45 -25.53 2.45 8.49
C LEU A 45 -26.12 1.28 9.28
N ILE A 46 -26.96 0.49 8.64
CA ILE A 46 -27.61 -0.64 9.29
C ILE A 46 -27.39 -1.88 8.43
N SER A 47 -26.82 -2.92 9.03
CA SER A 47 -26.61 -4.18 8.32
C SER A 47 -27.95 -4.83 8.01
N LEU A 48 -28.10 -5.28 6.77
CA LEU A 48 -29.36 -5.81 6.25
C LEU A 48 -29.31 -7.33 6.13
N SER A 49 -30.51 -7.93 6.05
CA SER A 49 -30.64 -9.38 6.14
C SER A 49 -30.52 -10.05 4.77
N GLU A 50 -29.40 -10.75 4.55
CA GLU A 50 -29.28 -11.59 3.38
C GLU A 50 -30.25 -12.76 3.45
N GLN A 51 -30.53 -13.26 4.66
CA GLN A 51 -31.43 -14.40 4.79
C GLN A 51 -32.83 -14.04 4.31
N ASN A 52 -33.29 -12.83 4.62
CA ASN A 52 -34.55 -12.33 4.10
C ASN A 52 -34.60 -12.48 2.59
N LEU A 53 -33.51 -12.11 1.91
CA LEU A 53 -33.49 -12.23 0.46
C LEU A 53 -33.47 -13.68 0.02
N VAL A 54 -32.63 -14.51 0.65
CA VAL A 54 -32.54 -15.92 0.29
C VAL A 54 -33.90 -16.62 0.40
N ASP A 55 -34.63 -16.35 1.49
CA ASP A 55 -35.86 -17.05 1.78
C ASP A 55 -37.06 -16.52 1.01
N CYS A 56 -37.03 -15.25 0.58
CA CYS A 56 -38.26 -14.57 0.20
C CYS A 56 -38.32 -14.02 -1.22
N SER A 57 -37.18 -13.87 -1.91
CA SER A 57 -37.17 -13.22 -3.22
C SER A 57 -37.26 -14.22 -4.40
N GLY A 58 -37.73 -15.44 -4.15
CA GLY A 58 -37.99 -16.34 -5.24
C GLY A 58 -38.94 -15.82 -6.28
N PRO A 59 -40.02 -15.13 -5.89
CA PRO A 59 -40.97 -14.66 -6.91
C PRO A 59 -40.38 -13.65 -7.85
N GLN A 60 -39.32 -12.96 -7.45
CA GLN A 60 -38.64 -12.05 -8.35
C GLN A 60 -37.62 -12.74 -9.26
N GLY A 61 -37.39 -14.03 -9.07
CA GLY A 61 -36.49 -14.80 -9.91
C GLY A 61 -35.31 -15.41 -9.20
N ASN A 62 -35.11 -15.12 -7.91
CA ASN A 62 -33.95 -15.64 -7.21
C ASN A 62 -34.19 -17.08 -6.75
N GLU A 63 -33.09 -17.79 -6.51
CA GLU A 63 -33.11 -19.22 -6.22
C GLU A 63 -32.26 -19.53 -5.00
N GLY A 64 -32.29 -18.66 -4.01
CA GLY A 64 -31.70 -19.00 -2.72
C GLY A 64 -30.22 -19.29 -2.83
N CYS A 65 -29.80 -20.41 -2.25
CA CYS A 65 -28.41 -20.82 -2.32
C CYS A 65 -28.02 -21.36 -3.68
N ASN A 66 -28.97 -21.48 -4.59
CA ASN A 66 -28.71 -22.00 -5.93
C ASN A 66 -28.51 -20.89 -6.95
N GLY A 67 -28.44 -19.64 -6.52
CA GLY A 67 -28.13 -18.53 -7.40
C GLY A 67 -29.20 -17.47 -7.37
N GLY A 68 -28.86 -16.33 -7.94
CA GLY A 68 -29.74 -15.18 -7.94
C GLY A 68 -29.07 -14.01 -8.60
N LEU A 69 -29.74 -12.87 -8.54
CA LEU A 69 -29.23 -11.64 -9.12
C LEU A 69 -29.56 -10.47 -8.22
N MET A 70 -28.63 -9.52 -8.16
CA MET A 70 -28.83 -8.35 -7.32
C MET A 70 -30.06 -7.55 -7.74
N ASP A 71 -30.29 -7.40 -9.05
CA ASP A 71 -31.46 -6.65 -9.50
C ASP A 71 -32.76 -7.32 -9.04
N TYR A 72 -32.81 -8.65 -9.04
CA TYR A 72 -34.01 -9.32 -8.52
C TYR A 72 -34.20 -9.02 -7.03
N ALA A 73 -33.09 -8.92 -6.28
CA ALA A 73 -33.17 -8.56 -4.88
C ALA A 73 -33.69 -7.14 -4.70
N PHE A 74 -33.19 -6.19 -5.48
CA PHE A 74 -33.69 -4.83 -5.39
C PHE A 74 -35.18 -4.76 -5.72
N GLN A 75 -35.61 -5.55 -6.72
CA GLN A 75 -37.03 -5.62 -7.07
C GLN A 75 -37.86 -6.19 -5.93
N TYR A 76 -37.36 -7.24 -5.27
CA TYR A 76 -38.06 -7.78 -4.11
C TYR A 76 -38.27 -6.71 -3.05
N VAL A 77 -37.22 -5.96 -2.72
CA VAL A 77 -37.35 -4.94 -1.67
C VAL A 77 -38.45 -3.95 -2.03
N GLN A 78 -38.50 -3.55 -3.30
CA GLN A 78 -39.55 -2.64 -3.75
C GLN A 78 -40.93 -3.30 -3.70
N ASP A 79 -41.07 -4.49 -4.31
CA ASP A 79 -42.36 -5.18 -4.33
C ASP A 79 -42.86 -5.46 -2.93
N ASN A 80 -41.94 -5.86 -2.05
CA ASN A 80 -42.30 -6.33 -0.71
C ASN A 80 -42.56 -5.19 0.25
N GLY A 81 -42.08 -3.99 -0.08
CA GLY A 81 -42.25 -2.85 0.79
C GLY A 81 -41.30 -2.79 1.95
N GLY A 82 -40.20 -3.52 1.91
CA GLY A 82 -39.23 -3.46 2.99
C GLY A 82 -38.27 -4.63 2.99
N LEU A 83 -37.32 -4.54 3.91
CA LEU A 83 -36.29 -5.55 4.11
C LEU A 83 -35.85 -5.48 5.56
N ASP A 84 -35.78 -6.64 6.22
CA ASP A 84 -35.45 -6.68 7.62
C ASP A 84 -33.96 -6.48 7.87
N SER A 85 -33.65 -6.06 9.09
CA SER A 85 -32.26 -5.90 9.47
C SER A 85 -31.61 -7.26 9.68
N GLU A 86 -30.29 -7.27 9.55
CA GLU A 86 -29.50 -8.45 9.85
C GLU A 86 -29.78 -8.96 11.25
N GLU A 87 -29.81 -8.04 12.21
CA GLU A 87 -30.01 -8.41 13.61
C GLU A 87 -31.35 -9.11 13.82
N SER A 88 -32.39 -8.67 13.11
CA SER A 88 -33.72 -9.21 13.31
C SER A 88 -33.94 -10.52 12.54
N TYR A 89 -33.17 -10.77 11.49
CA TYR A 89 -33.39 -11.90 10.59
C TYR A 89 -32.00 -12.40 10.21
N PRO A 90 -31.32 -13.10 11.12
CA PRO A 90 -29.90 -13.39 10.91
C PRO A 90 -29.67 -14.50 9.89
N TYR A 91 -28.41 -14.56 9.46
CA TYR A 91 -28.03 -15.41 8.34
C TYR A 91 -27.78 -16.84 8.81
N GLU A 92 -28.35 -17.79 8.08
CA GLU A 92 -28.25 -19.21 8.40
C GLU A 92 -27.57 -20.05 7.32
N ALA A 93 -27.24 -19.47 6.16
CA ALA A 93 -26.49 -20.17 5.12
C ALA A 93 -27.25 -21.37 4.56
N THR A 94 -28.58 -21.35 4.63
CA THR A 94 -29.40 -22.37 4.01
C THR A 94 -30.77 -21.76 3.75
N GLU A 95 -31.43 -22.19 2.67
CA GLU A 95 -32.71 -21.60 2.31
C GLU A 95 -33.83 -22.19 3.17
N GLU A 96 -34.69 -21.31 3.68
CA GLU A 96 -35.82 -21.65 4.53
C GLU A 96 -37.04 -20.88 4.05
N SER A 97 -38.19 -21.19 4.64
CA SER A 97 -39.39 -20.44 4.28
C SER A 97 -39.25 -18.99 4.73
N CYS A 98 -39.99 -18.11 4.06
N CYS A 98 -40.01 -18.12 4.06
CA CYS A 98 -39.89 -16.68 4.30
CA CYS A 98 -39.95 -16.69 4.33
C CYS A 98 -40.47 -16.31 5.67
C CYS A 98 -40.46 -16.37 5.72
N LYS A 99 -39.69 -15.55 6.44
CA LYS A 99 -40.08 -15.10 7.78
C LYS A 99 -40.06 -13.58 7.90
N TYR A 100 -40.14 -12.88 6.76
CA TYR A 100 -40.14 -11.42 6.77
C TYR A 100 -41.19 -10.88 7.72
N ASN A 101 -40.80 -9.86 8.48
CA ASN A 101 -41.69 -9.17 9.41
C ASN A 101 -41.58 -7.68 9.12
N PRO A 102 -42.66 -7.02 8.67
CA PRO A 102 -42.53 -5.60 8.34
C PRO A 102 -42.18 -4.71 9.52
N LYS A 103 -42.53 -5.14 10.75
CA LYS A 103 -42.17 -4.36 11.92
C LYS A 103 -40.67 -4.14 12.03
N TYR A 104 -39.88 -5.07 11.52
CA TYR A 104 -38.43 -5.01 11.60
C TYR A 104 -37.77 -4.55 10.31
N SER A 105 -38.55 -4.02 9.37
CA SER A 105 -37.99 -3.50 8.14
C SER A 105 -37.22 -2.22 8.44
N VAL A 106 -36.03 -2.11 7.85
CA VAL A 106 -35.16 -0.96 8.05
C VAL A 106 -34.66 -0.36 6.75
N ALA A 107 -35.05 -0.92 5.60
CA ALA A 107 -34.62 -0.44 4.31
C ALA A 107 -35.77 -0.56 3.32
N ASN A 108 -35.71 0.28 2.29
CA ASN A 108 -36.65 0.25 1.19
C ASN A 108 -35.91 0.67 -0.05
N ASP A 109 -36.48 0.38 -1.22
CA ASP A 109 -35.97 0.96 -2.46
C ASP A 109 -37.11 1.07 -3.45
N ALA A 110 -36.93 1.96 -4.41
CA ALA A 110 -37.92 2.25 -5.44
C ALA A 110 -37.45 1.79 -6.81
N GLY A 111 -36.70 0.69 -6.85
CA GLY A 111 -36.18 0.18 -8.09
C GLY A 111 -34.67 0.19 -8.11
N PHE A 112 -34.10 0.22 -9.31
CA PHE A 112 -32.66 0.10 -9.44
C PHE A 112 -32.23 0.71 -10.77
N VAL A 113 -30.92 0.82 -10.95
CA VAL A 113 -30.31 1.37 -12.14
C VAL A 113 -29.24 0.40 -12.63
N ASP A 114 -29.31 0.04 -13.90
CA ASP A 114 -28.28 -0.78 -14.54
C ASP A 114 -27.31 0.14 -15.25
N ILE A 115 -26.03 -0.11 -15.03
CA ILE A 115 -24.94 0.73 -15.56
C ILE A 115 -24.52 0.18 -16.91
N PRO A 116 -24.23 1.05 -17.90
CA PRO A 116 -23.68 0.56 -19.17
C PRO A 116 -22.47 -0.33 -18.95
N LYS A 117 -22.28 -1.28 -19.87
N LYS A 117 -22.29 -1.27 -19.88
CA LYS A 117 -21.22 -2.29 -19.73
CA LYS A 117 -21.23 -2.28 -19.75
C LYS A 117 -19.89 -1.72 -20.24
C LYS A 117 -19.89 -1.74 -20.23
N GLN A 118 -19.40 -0.72 -19.51
CA GLN A 118 -18.13 -0.09 -19.80
C GLN A 118 -17.50 0.30 -18.47
N GLU A 119 -16.20 0.10 -18.35
CA GLU A 119 -15.53 0.46 -17.11
C GLU A 119 -15.57 1.95 -16.85
N LYS A 120 -15.58 2.77 -17.91
CA LYS A 120 -15.71 4.21 -17.70
C LYS A 120 -17.04 4.55 -17.04
N ALA A 121 -18.11 3.86 -17.42
CA ALA A 121 -19.40 4.10 -16.80
C ALA A 121 -19.43 3.59 -15.36
N LEU A 122 -18.82 2.43 -15.12
CA LEU A 122 -18.73 1.95 -13.74
C LEU A 122 -17.95 2.93 -12.89
N MET A 123 -16.87 3.50 -13.42
CA MET A 123 -16.10 4.45 -12.62
C MET A 123 -16.95 5.66 -12.26
N LYS A 124 -17.70 6.19 -13.24
N LYS A 124 -17.70 6.19 -13.24
CA LYS A 124 -18.56 7.34 -12.95
CA LYS A 124 -18.56 7.34 -12.97
C LYS A 124 -19.59 7.01 -11.88
C LYS A 124 -19.59 7.01 -11.88
N ALA A 125 -20.17 5.82 -11.93
CA ALA A 125 -21.15 5.44 -10.91
C ALA A 125 -20.50 5.31 -9.54
N VAL A 126 -19.36 4.62 -9.45
CA VAL A 126 -18.69 4.50 -8.16
C VAL A 126 -18.34 5.87 -7.59
N ALA A 127 -17.89 6.78 -8.46
CA ALA A 127 -17.48 8.10 -7.98
C ALA A 127 -18.65 8.93 -7.46
N THR A 128 -19.86 8.76 -8.01
CA THR A 128 -20.96 9.66 -7.72
C THR A 128 -22.10 9.06 -6.91
N VAL A 129 -22.23 7.74 -6.85
CA VAL A 129 -23.38 7.08 -6.27
C VAL A 129 -23.05 6.48 -4.91
N GLY A 130 -21.95 5.74 -4.82
CA GLY A 130 -21.66 4.91 -3.69
C GLY A 130 -21.26 3.52 -4.14
N PRO A 131 -21.22 2.56 -3.20
CA PRO A 131 -20.88 1.18 -3.56
C PRO A 131 -21.84 0.62 -4.59
N ILE A 132 -21.30 -0.16 -5.53
CA ILE A 132 -22.04 -0.66 -6.68
C ILE A 132 -21.98 -2.18 -6.69
N SER A 133 -23.14 -2.82 -6.86
CA SER A 133 -23.20 -4.26 -7.02
C SER A 133 -22.67 -4.66 -8.38
N VAL A 134 -21.79 -5.66 -8.41
CA VAL A 134 -21.24 -6.17 -9.66
C VAL A 134 -21.15 -7.70 -9.61
N ALA A 135 -21.09 -8.29 -10.80
CA ALA A 135 -20.83 -9.73 -10.94
C ALA A 135 -19.48 -9.92 -11.59
N ILE A 136 -18.73 -10.92 -11.12
CA ILE A 136 -17.39 -11.22 -11.64
C ILE A 136 -17.23 -12.72 -11.86
N ASP A 137 -16.23 -13.06 -12.69
CA ASP A 137 -15.72 -14.42 -12.81
C ASP A 137 -14.69 -14.63 -11.71
N ALA A 138 -15.11 -15.31 -10.64
CA ALA A 138 -14.26 -15.64 -9.50
C ALA A 138 -13.82 -17.10 -9.50
N GLY A 139 -14.06 -17.82 -10.59
CA GLY A 139 -13.83 -19.25 -10.60
C GLY A 139 -12.43 -19.68 -10.96
N HIS A 140 -11.44 -19.19 -10.21
CA HIS A 140 -10.05 -19.57 -10.45
C HIS A 140 -9.34 -19.69 -9.11
N GLU A 141 -8.44 -20.68 -9.02
CA GLU A 141 -7.69 -20.88 -7.79
C GLU A 141 -6.97 -19.61 -7.36
N SER A 142 -6.49 -18.80 -8.31
CA SER A 142 -5.79 -17.58 -7.95
C SER A 142 -6.65 -16.64 -7.11
N PHE A 143 -7.97 -16.69 -7.31
CA PHE A 143 -8.88 -15.86 -6.52
C PHE A 143 -9.04 -16.42 -5.11
N LEU A 144 -9.08 -17.75 -4.96
CA LEU A 144 -9.18 -18.33 -3.62
C LEU A 144 -7.98 -17.95 -2.76
N PHE A 145 -6.78 -17.95 -3.34
CA PHE A 145 -5.54 -17.79 -2.60
C PHE A 145 -5.06 -16.34 -2.52
N TYR A 146 -5.82 -15.39 -3.06
CA TYR A 146 -5.40 -14.00 -3.11
C TYR A 146 -5.09 -13.46 -1.71
N LYS A 147 -3.94 -12.78 -1.58
N LYS A 147 -3.97 -12.75 -1.59
CA LYS A 147 -3.54 -12.16 -0.32
CA LYS A 147 -3.56 -12.16 -0.33
C LYS A 147 -3.42 -10.65 -0.38
C LYS A 147 -3.38 -10.66 -0.37
N GLU A 148 -2.87 -10.11 -1.47
CA GLU A 148 -2.61 -8.68 -1.57
C GLU A 148 -2.29 -8.33 -3.02
N GLY A 149 -2.19 -7.03 -3.27
CA GLY A 149 -1.83 -6.55 -4.58
C GLY A 149 -3.02 -6.53 -5.53
N ILE A 150 -2.72 -6.24 -6.79
CA ILE A 150 -3.77 -6.15 -7.81
C ILE A 150 -3.97 -7.52 -8.43
N TYR A 151 -5.19 -8.02 -8.35
CA TYR A 151 -5.53 -9.35 -8.86
C TYR A 151 -5.71 -9.28 -10.37
N PHE A 152 -4.94 -10.08 -11.09
CA PHE A 152 -5.09 -10.22 -12.53
C PHE A 152 -4.94 -11.69 -12.89
N GLU A 153 -5.96 -12.24 -13.52
CA GLU A 153 -6.01 -13.65 -13.90
C GLU A 153 -6.13 -13.73 -15.42
N PRO A 154 -5.08 -14.13 -16.14
CA PRO A 154 -5.16 -14.11 -17.62
C PRO A 154 -6.30 -14.92 -18.20
N ASP A 155 -6.79 -15.91 -17.47
CA ASP A 155 -7.84 -16.78 -17.97
C ASP A 155 -9.22 -16.34 -17.51
N CYS A 156 -9.34 -15.13 -16.96
CA CYS A 156 -10.64 -14.65 -16.50
C CYS A 156 -11.52 -14.29 -17.68
N SER A 157 -12.81 -14.58 -17.56
CA SER A 157 -13.78 -14.29 -18.61
C SER A 157 -14.55 -13.02 -18.28
N SER A 158 -14.81 -12.22 -19.31
N SER A 158 -14.80 -12.23 -19.32
CA SER A 158 -15.61 -11.01 -19.16
CA SER A 158 -15.60 -11.01 -19.20
C SER A 158 -17.08 -11.26 -19.48
C SER A 158 -17.09 -11.26 -19.46
N GLU A 159 -17.45 -12.50 -19.81
CA GLU A 159 -18.83 -12.84 -20.14
C GLU A 159 -19.42 -13.91 -19.24
N ASP A 160 -18.60 -14.71 -18.57
CA ASP A 160 -19.06 -15.83 -17.75
C ASP A 160 -18.80 -15.47 -16.29
N MET A 161 -19.66 -14.62 -15.74
CA MET A 161 -19.54 -14.24 -14.34
C MET A 161 -20.30 -15.24 -13.49
N ASP A 162 -19.78 -15.50 -12.27
CA ASP A 162 -20.33 -16.52 -11.40
C ASP A 162 -20.40 -16.08 -9.94
N HIS A 163 -20.09 -14.83 -9.63
CA HIS A 163 -19.97 -14.41 -8.23
C HIS A 163 -20.32 -12.93 -8.13
N GLY A 164 -21.23 -12.59 -7.21
CA GLY A 164 -21.61 -11.20 -6.98
C GLY A 164 -20.81 -10.63 -5.82
N VAL A 165 -20.33 -9.41 -6.01
CA VAL A 165 -19.52 -8.71 -5.03
C VAL A 165 -19.89 -7.23 -5.06
N LEU A 166 -19.15 -6.41 -4.34
CA LEU A 166 -19.48 -4.99 -4.17
C LEU A 166 -18.24 -4.15 -4.41
N VAL A 167 -18.34 -3.21 -5.35
CA VAL A 167 -17.26 -2.27 -5.61
C VAL A 167 -17.45 -1.09 -4.68
N VAL A 168 -16.50 -0.88 -3.76
CA VAL A 168 -16.58 0.21 -2.81
C VAL A 168 -15.64 1.36 -3.16
N GLY A 169 -14.91 1.26 -4.26
CA GLY A 169 -13.96 2.30 -4.61
C GLY A 169 -13.03 1.84 -5.71
N TYR A 170 -12.00 2.65 -5.93
CA TYR A 170 -10.98 2.35 -6.91
C TYR A 170 -9.76 3.19 -6.59
N GLY A 171 -8.64 2.83 -7.19
CA GLY A 171 -7.41 3.54 -6.90
C GLY A 171 -6.28 3.01 -7.76
N PHE A 172 -5.06 3.26 -7.31
CA PHE A 172 -3.89 2.87 -8.09
C PHE A 172 -2.73 2.60 -7.15
N GLU A 173 -1.79 1.79 -7.63
CA GLU A 173 -0.52 1.61 -6.96
C GLU A 173 0.49 1.14 -8.00
N SER A 174 1.75 1.55 -7.81
CA SER A 174 2.79 1.19 -8.75
C SER A 174 3.05 -0.30 -8.72
N THR A 175 3.21 -0.88 -9.92
CA THR A 175 3.47 -2.30 -10.08
C THR A 175 4.56 -2.57 -11.10
N GLU A 176 5.09 -3.80 -11.04
CA GLU A 176 6.09 -4.25 -11.99
C GLU A 176 5.68 -4.03 -13.43
N SER A 177 4.43 -4.39 -13.77
CA SER A 177 3.98 -4.36 -15.16
C SER A 177 3.41 -3.00 -15.57
N ASP A 178 3.29 -2.06 -14.64
CA ASP A 178 2.70 -0.74 -14.87
C ASP A 178 1.22 -0.83 -15.24
N ASN A 179 0.56 -1.92 -14.84
CA ASN A 179 -0.89 -2.02 -14.82
C ASN A 179 -1.29 -1.71 -13.38
N ASN A 180 -1.56 -0.42 -13.12
CA ASN A 180 -1.53 0.11 -11.77
C ASN A 180 -2.90 0.40 -11.17
N LYS A 181 -3.97 0.31 -11.95
CA LYS A 181 -5.28 0.71 -11.48
C LYS A 181 -6.07 -0.49 -11.00
N TYR A 182 -6.91 -0.26 -9.98
CA TYR A 182 -7.70 -1.33 -9.41
C TYR A 182 -9.06 -0.85 -8.96
N TRP A 183 -10.01 -1.79 -8.98
CA TRP A 183 -11.28 -1.65 -8.28
C TRP A 183 -11.12 -2.21 -6.87
N LEU A 184 -11.60 -1.49 -5.87
CA LEU A 184 -11.62 -1.99 -4.50
C LEU A 184 -12.92 -2.74 -4.27
N VAL A 185 -12.82 -4.03 -4.01
CA VAL A 185 -13.97 -4.93 -4.04
C VAL A 185 -14.12 -5.61 -2.68
N LYS A 186 -15.32 -5.51 -2.11
CA LYS A 186 -15.68 -6.20 -0.88
C LYS A 186 -16.25 -7.57 -1.26
N ASN A 187 -15.69 -8.63 -0.72
CA ASN A 187 -16.18 -9.99 -0.92
C ASN A 187 -17.02 -10.39 0.30
N SER A 188 -17.62 -11.58 0.24
CA SER A 188 -18.44 -12.13 1.31
C SER A 188 -17.96 -13.50 1.74
N TRP A 189 -16.63 -13.67 1.85
CA TRP A 189 -16.00 -14.91 2.28
C TRP A 189 -15.29 -14.76 3.62
N GLY A 190 -15.69 -13.77 4.43
CA GLY A 190 -15.06 -13.53 5.71
C GLY A 190 -13.80 -12.69 5.59
N GLU A 191 -13.29 -12.27 6.74
CA GLU A 191 -12.16 -11.34 6.73
C GLU A 191 -10.82 -12.05 6.60
N GLU A 192 -10.78 -13.38 6.72
CA GLU A 192 -9.54 -14.14 6.56
C GLU A 192 -9.17 -14.34 5.10
N TRP A 193 -10.13 -14.21 4.18
CA TRP A 193 -9.84 -14.24 2.76
C TRP A 193 -9.26 -12.90 2.34
N GLY A 194 -8.30 -12.94 1.41
CA GLY A 194 -7.82 -11.71 0.80
C GLY A 194 -7.23 -10.75 1.81
N MET A 195 -7.45 -9.46 1.57
N MET A 195 -7.45 -9.45 1.55
CA MET A 195 -6.93 -8.38 2.42
CA MET A 195 -6.95 -8.37 2.41
C MET A 195 -8.08 -7.95 3.32
C MET A 195 -8.09 -7.95 3.33
N GLY A 196 -8.20 -8.62 4.47
CA GLY A 196 -9.31 -8.35 5.36
C GLY A 196 -10.66 -8.55 4.71
N GLY A 197 -10.75 -9.45 3.73
CA GLY A 197 -11.99 -9.71 3.04
C GLY A 197 -12.17 -8.94 1.76
N TYR A 198 -11.19 -8.10 1.40
CA TYR A 198 -11.22 -7.26 0.22
C TYR A 198 -10.22 -7.72 -0.83
N VAL A 199 -10.48 -7.32 -2.07
CA VAL A 199 -9.57 -7.60 -3.18
C VAL A 199 -9.48 -6.35 -4.07
N LYS A 200 -8.28 -6.08 -4.55
CA LYS A 200 -8.02 -5.08 -5.56
C LYS A 200 -8.02 -5.77 -6.92
N MET A 201 -9.04 -5.54 -7.73
N MET A 201 -9.06 -5.55 -7.70
CA MET A 201 -9.17 -6.21 -9.01
CA MET A 201 -9.24 -6.17 -9.02
C MET A 201 -8.78 -5.28 -10.15
C MET A 201 -8.71 -5.25 -10.11
N ALA A 202 -8.03 -5.83 -11.10
CA ALA A 202 -7.50 -5.06 -12.20
C ALA A 202 -8.56 -4.19 -12.87
N LYS A 203 -8.24 -2.90 -13.02
CA LYS A 203 -9.14 -1.91 -13.59
C LYS A 203 -8.58 -1.39 -14.91
N ASP A 204 -9.49 -1.19 -15.87
CA ASP A 204 -9.15 -0.69 -17.21
C ASP A 204 -8.25 -1.65 -17.97
N ARG A 205 -8.43 -2.95 -17.71
CA ARG A 205 -7.76 -4.02 -18.45
C ARG A 205 -8.81 -4.85 -19.18
N ARG A 206 -9.50 -4.24 -20.13
CA ARG A 206 -10.47 -4.95 -20.99
C ARG A 206 -11.58 -5.59 -20.15
N ASN A 207 -12.06 -4.87 -19.14
CA ASN A 207 -13.18 -5.34 -18.33
C ASN A 207 -12.87 -6.69 -17.70
N HIS A 208 -11.76 -6.70 -16.98
CA HIS A 208 -11.21 -7.94 -16.44
C HIS A 208 -12.21 -8.62 -15.53
N CYS A 209 -12.38 -9.92 -15.75
CA CYS A 209 -13.33 -10.76 -15.01
C CYS A 209 -14.77 -10.29 -15.12
N GLY A 210 -15.09 -9.40 -16.07
CA GLY A 210 -16.46 -9.00 -16.31
C GLY A 210 -17.04 -8.03 -15.31
N ILE A 211 -16.19 -7.28 -14.59
CA ILE A 211 -16.65 -6.49 -13.46
C ILE A 211 -17.62 -5.39 -13.88
N ALA A 212 -17.54 -4.91 -15.11
CA ALA A 212 -18.46 -3.89 -15.59
C ALA A 212 -19.63 -4.47 -16.38
N SER A 213 -19.76 -5.80 -16.46
CA SER A 213 -20.76 -6.39 -17.36
C SER A 213 -22.15 -6.52 -16.75
N ALA A 214 -22.27 -6.46 -15.43
CA ALA A 214 -23.57 -6.58 -14.77
C ALA A 214 -23.57 -5.75 -13.48
N ALA A 215 -23.38 -4.44 -13.64
CA ALA A 215 -23.26 -3.52 -12.51
C ALA A 215 -24.56 -2.76 -12.32
N SER A 216 -24.95 -2.58 -11.05
CA SER A 216 -26.21 -1.91 -10.77
C SER A 216 -26.22 -1.44 -9.33
N TYR A 217 -27.22 -0.62 -9.01
CA TYR A 217 -27.42 -0.14 -7.64
C TYR A 217 -28.90 0.15 -7.43
N PRO A 218 -29.36 0.10 -6.18
CA PRO A 218 -30.78 0.38 -5.91
C PRO A 218 -31.03 1.88 -5.80
N THR A 219 -32.26 2.26 -6.09
CA THR A 219 -32.74 3.64 -5.99
C THR A 219 -33.46 3.80 -4.67
N VAL A 220 -32.95 4.69 -3.82
CA VAL A 220 -33.55 4.91 -2.50
C VAL A 220 -34.10 6.32 -2.41
N ALA B 1 14.07 15.42 4.09
CA ALA B 1 14.47 16.06 2.80
C ALA B 1 14.95 17.49 3.06
N PRO B 2 15.63 18.10 2.10
CA PRO B 2 16.04 19.50 2.25
C PRO B 2 14.84 20.40 2.46
N ARG B 3 15.10 21.59 3.01
CA ARG B 3 14.02 22.54 3.25
C ARG B 3 13.55 23.21 1.96
N SER B 4 14.42 23.32 0.95
CA SER B 4 14.02 23.83 -0.36
C SER B 4 14.81 23.10 -1.44
N VAL B 5 14.20 23.01 -2.61
CA VAL B 5 14.74 22.34 -3.79
C VAL B 5 14.38 23.15 -5.03
N ASP B 6 15.32 23.28 -5.96
CA ASP B 6 15.06 23.92 -7.25
C ASP B 6 15.94 23.23 -8.29
N TRP B 7 15.35 22.29 -9.04
CA TRP B 7 16.12 21.52 -10.00
C TRP B 7 16.60 22.33 -11.18
N ARG B 8 16.07 23.54 -11.38
CA ARG B 8 16.61 24.37 -12.46
C ARG B 8 18.06 24.70 -12.22
N GLU B 9 18.46 24.87 -10.94
CA GLU B 9 19.82 25.25 -10.63
C GLU B 9 20.81 24.12 -10.88
N LYS B 10 20.31 22.88 -11.04
CA LYS B 10 21.16 21.72 -11.25
C LYS B 10 21.17 21.26 -12.69
N GLY B 11 20.46 21.92 -13.61
CA GLY B 11 20.57 21.58 -15.01
C GLY B 11 19.53 20.60 -15.51
N TYR B 12 18.50 20.35 -14.73
CA TYR B 12 17.51 19.34 -15.06
C TYR B 12 16.34 19.85 -15.90
N VAL B 13 16.23 21.15 -16.16
CA VAL B 13 14.97 21.75 -16.64
C VAL B 13 15.22 22.61 -17.86
N THR B 14 14.50 22.33 -18.95
CA THR B 14 14.54 23.16 -20.14
C THR B 14 13.75 24.45 -19.94
N PRO B 15 13.92 25.43 -20.82
CA PRO B 15 13.09 26.64 -20.74
C PRO B 15 11.61 26.31 -20.88
N VAL B 16 10.80 27.29 -20.44
CA VAL B 16 9.35 27.18 -20.55
C VAL B 16 8.93 27.14 -22.02
N LYS B 17 7.99 26.26 -22.32
CA LYS B 17 7.42 26.05 -23.65
C LYS B 17 5.97 26.51 -23.65
N ASN B 18 5.34 26.47 -24.82
CA ASN B 18 3.95 26.91 -24.95
C ASN B 18 3.19 25.91 -25.80
N GLN B 19 2.21 25.26 -25.17
CA GLN B 19 1.38 24.27 -25.88
C GLN B 19 0.44 24.90 -26.87
N GLY B 20 0.24 26.23 -26.84
CA GLY B 20 -0.71 26.87 -27.72
C GLY B 20 -2.15 26.46 -27.43
N GLN B 21 -2.96 26.43 -28.48
CA GLN B 21 -4.38 26.12 -28.37
C GLN B 21 -4.63 24.65 -28.69
N CYS B 22 -3.98 23.81 -27.92
CA CYS B 22 -4.02 22.35 -28.08
C CYS B 22 -4.01 21.79 -26.66
N GLY B 23 -4.89 20.83 -26.39
CA GLY B 23 -4.98 20.21 -25.08
C GLY B 23 -3.90 19.17 -24.86
N SER B 24 -2.64 19.60 -24.99
CA SER B 24 -1.49 18.70 -24.93
C SER B 24 -0.65 18.91 -23.68
N CYS B 25 -1.23 19.49 -22.62
CA CYS B 25 -0.50 19.71 -21.37
C CYS B 25 0.19 18.44 -20.90
N TRP B 26 -0.47 17.29 -21.05
CA TRP B 26 0.08 16.01 -20.64
C TRP B 26 1.40 15.72 -21.34
N ALA B 27 1.52 16.15 -22.60
CA ALA B 27 2.74 15.89 -23.35
C ALA B 27 3.88 16.76 -22.85
N PHE B 28 3.59 18.01 -22.49
CA PHE B 28 4.62 18.90 -21.93
C PHE B 28 5.02 18.45 -20.55
N SER B 29 4.07 18.04 -19.72
CA SER B 29 4.42 17.52 -18.42
C SER B 29 5.31 16.28 -18.56
N ALA B 30 4.97 15.40 -19.50
CA ALA B 30 5.74 14.19 -19.69
C ALA B 30 7.15 14.49 -20.21
N THR B 31 7.28 15.34 -21.23
CA THR B 31 8.63 15.64 -21.70
C THR B 31 9.44 16.28 -20.59
N GLY B 32 8.82 17.13 -19.78
CA GLY B 32 9.55 17.73 -18.67
C GLY B 32 10.12 16.69 -17.73
N ALA B 33 9.31 15.71 -17.36
CA ALA B 33 9.78 14.70 -16.42
C ALA B 33 10.86 13.81 -17.03
N LEU B 34 10.71 13.48 -18.32
CA LEU B 34 11.70 12.66 -19.00
C LEU B 34 12.98 13.46 -19.27
N GLU B 35 12.86 14.75 -19.56
CA GLU B 35 14.05 15.58 -19.69
C GLU B 35 14.87 15.54 -18.42
N GLY B 36 14.21 15.61 -17.27
CA GLY B 36 14.92 15.55 -16.01
C GLY B 36 15.57 14.20 -15.75
N GLN B 37 14.85 13.13 -16.00
CA GLN B 37 15.41 11.81 -15.73
C GLN B 37 16.52 11.46 -16.72
N MET B 38 16.41 11.90 -17.97
CA MET B 38 17.49 11.69 -18.90
C MET B 38 18.74 12.43 -18.46
N PHE B 39 18.57 13.67 -17.99
CA PHE B 39 19.71 14.41 -17.46
C PHE B 39 20.33 13.71 -16.27
N ARG B 40 19.50 13.20 -15.35
CA ARG B 40 19.99 12.44 -14.22
C ARG B 40 20.87 11.27 -14.67
N LYS B 41 20.44 10.58 -15.74
CA LYS B 41 21.13 9.37 -16.20
C LYS B 41 22.38 9.69 -17.02
N THR B 42 22.32 10.71 -17.88
CA THR B 42 23.37 10.94 -18.87
C THR B 42 24.17 12.22 -18.66
N GLY B 43 23.69 13.15 -17.85
CA GLY B 43 24.36 14.43 -17.72
C GLY B 43 24.10 15.39 -18.85
N ARG B 44 23.17 15.08 -19.74
CA ARG B 44 22.84 15.95 -20.86
C ARG B 44 21.37 16.32 -20.82
N LEU B 45 21.10 17.62 -20.88
CA LEU B 45 19.73 18.13 -20.99
C LEU B 45 19.41 18.33 -22.46
N ILE B 46 18.42 17.60 -22.96
CA ILE B 46 18.01 17.69 -24.37
C ILE B 46 16.49 17.84 -24.41
N SER B 47 16.03 18.96 -24.97
CA SER B 47 14.59 19.17 -25.11
C SER B 47 13.95 18.11 -26.00
N LEU B 48 12.82 17.58 -25.55
CA LEU B 48 12.16 16.44 -26.17
C LEU B 48 10.87 16.85 -26.88
N SER B 49 10.44 16.02 -27.83
CA SER B 49 9.37 16.39 -28.76
C SER B 49 7.98 16.07 -28.20
N GLU B 50 7.24 17.12 -27.84
CA GLU B 50 5.84 16.94 -27.49
C GLU B 50 5.02 16.51 -28.70
N GLN B 51 5.39 16.99 -29.89
CA GLN B 51 4.64 16.63 -31.10
C GLN B 51 4.73 15.14 -31.37
N ASN B 52 5.91 14.56 -31.16
CA ASN B 52 6.07 13.11 -31.25
C ASN B 52 5.01 12.42 -30.38
N LEU B 53 4.80 12.90 -29.16
CA LEU B 53 3.80 12.29 -28.28
C LEU B 53 2.38 12.51 -28.79
N VAL B 54 2.09 13.75 -29.22
CA VAL B 54 0.75 14.09 -29.71
C VAL B 54 0.38 13.21 -30.90
N ASP B 55 1.32 13.03 -31.83
CA ASP B 55 1.00 12.34 -33.08
C ASP B 55 1.04 10.81 -32.95
N CYS B 56 1.78 10.27 -31.98
CA CYS B 56 2.19 8.87 -32.02
C CYS B 56 1.72 8.03 -30.85
N SER B 57 1.28 8.62 -29.74
CA SER B 57 0.98 7.84 -28.53
C SER B 57 -0.50 7.51 -28.37
N GLY B 58 -1.29 7.62 -29.44
CA GLY B 58 -2.64 7.11 -29.43
C GLY B 58 -2.77 5.67 -28.98
N PRO B 59 -1.89 4.77 -29.43
CA PRO B 59 -2.04 3.37 -29.04
C PRO B 59 -1.91 3.12 -27.56
N GLN B 60 -1.29 4.04 -26.82
CA GLN B 60 -1.18 3.91 -25.39
C GLN B 60 -2.31 4.60 -24.63
N GLY B 61 -3.25 5.21 -25.34
CA GLY B 61 -4.41 5.81 -24.73
C GLY B 61 -4.52 7.31 -24.90
N ASN B 62 -3.52 7.97 -25.46
CA ASN B 62 -3.57 9.43 -25.58
C ASN B 62 -4.41 9.84 -26.78
N GLU B 63 -4.93 11.07 -26.70
CA GLU B 63 -5.88 11.58 -27.68
C GLU B 63 -5.45 12.94 -28.19
N GLY B 64 -4.14 13.12 -28.34
CA GLY B 64 -3.64 14.30 -29.03
C GLY B 64 -3.99 15.58 -28.30
N CYS B 65 -4.55 16.53 -29.05
CA CYS B 65 -4.98 17.81 -28.50
C CYS B 65 -6.28 17.68 -27.71
N ASN B 66 -6.92 16.51 -27.73
N ASN B 66 -6.91 16.52 -27.71
CA ASN B 66 -8.17 16.29 -27.02
CA ASN B 66 -8.16 16.31 -27.00
C ASN B 66 -7.96 15.63 -25.66
C ASN B 66 -7.96 15.62 -25.66
N GLY B 67 -6.73 15.49 -25.21
CA GLY B 67 -6.46 14.98 -23.88
C GLY B 67 -5.52 13.81 -23.86
N GLY B 68 -4.98 13.53 -22.68
CA GLY B 68 -4.02 12.46 -22.52
C GLY B 68 -3.53 12.42 -21.10
N LEU B 69 -2.57 11.53 -20.87
CA LEU B 69 -2.00 11.35 -19.54
C LEU B 69 -0.50 11.14 -19.65
N MET B 70 0.22 11.68 -18.65
CA MET B 70 1.66 11.51 -18.64
C MET B 70 2.07 10.05 -18.63
N ASP B 71 1.39 9.21 -17.84
CA ASP B 71 1.80 7.81 -17.79
C ASP B 71 1.68 7.14 -19.15
N TYR B 72 0.65 7.48 -19.91
CA TYR B 72 0.49 6.91 -21.25
C TYR B 72 1.65 7.36 -22.15
N ALA B 73 2.11 8.59 -21.99
CA ALA B 73 3.30 9.05 -22.72
C ALA B 73 4.54 8.26 -22.32
N PHE B 74 4.74 8.01 -21.02
CA PHE B 74 5.90 7.22 -20.60
C PHE B 74 5.81 5.80 -21.15
N GLN B 75 4.60 5.24 -21.20
CA GLN B 75 4.41 3.93 -21.80
C GLN B 75 4.75 3.94 -23.28
N TYR B 76 4.38 5.00 -24.00
CA TYR B 76 4.70 5.09 -25.41
C TYR B 76 6.21 5.04 -25.63
N VAL B 77 6.96 5.83 -24.86
CA VAL B 77 8.41 5.85 -25.03
C VAL B 77 8.99 4.44 -24.84
N GLN B 78 8.51 3.70 -23.84
CA GLN B 78 8.97 2.35 -23.62
C GLN B 78 8.61 1.46 -24.78
N ASP B 79 7.34 1.48 -25.17
CA ASP B 79 6.88 0.58 -26.24
C ASP B 79 7.61 0.87 -27.54
N ASN B 80 7.84 2.15 -27.82
CA ASN B 80 8.37 2.61 -29.09
C ASN B 80 9.88 2.47 -29.17
N GLY B 81 10.54 2.31 -28.03
CA GLY B 81 11.99 2.25 -28.03
C GLY B 81 12.68 3.58 -28.11
N GLY B 82 11.97 4.69 -27.98
CA GLY B 82 12.62 5.99 -28.04
C GLY B 82 11.64 7.13 -28.20
N LEU B 83 12.18 8.35 -28.19
CA LEU B 83 11.44 9.59 -28.36
C LEU B 83 12.36 10.58 -29.03
N ASP B 84 11.87 11.28 -30.04
CA ASP B 84 12.71 12.21 -30.80
C ASP B 84 12.92 13.51 -30.03
N SER B 85 14.01 14.20 -30.39
CA SER B 85 14.29 15.50 -29.82
C SER B 85 13.31 16.53 -30.36
N GLU B 86 13.11 17.59 -29.55
CA GLU B 86 12.36 18.75 -29.98
C GLU B 86 12.89 19.28 -31.30
N GLU B 87 14.21 19.43 -31.40
CA GLU B 87 14.81 19.98 -32.61
C GLU B 87 14.42 19.18 -33.84
N SER B 88 14.44 17.84 -33.73
CA SER B 88 14.17 16.98 -34.87
C SER B 88 12.70 16.87 -35.22
N TYR B 89 11.80 17.18 -34.29
CA TYR B 89 10.37 16.91 -34.45
C TYR B 89 9.63 18.04 -33.75
N PRO B 90 9.63 19.22 -34.36
CA PRO B 90 9.19 20.43 -33.65
C PRO B 90 7.68 20.48 -33.45
N TYR B 91 7.28 21.36 -32.55
CA TYR B 91 5.90 21.40 -32.09
C TYR B 91 5.03 22.22 -33.03
N GLU B 92 3.88 21.65 -33.41
CA GLU B 92 2.96 22.29 -34.34
C GLU B 92 1.61 22.65 -33.73
N ALA B 93 1.31 22.19 -32.52
CA ALA B 93 0.07 22.57 -31.81
C ALA B 93 -1.20 22.03 -32.49
N THR B 94 -1.06 20.94 -33.23
CA THR B 94 -2.21 20.28 -33.85
C THR B 94 -1.81 18.85 -34.11
N GLU B 95 -2.78 17.93 -34.07
CA GLU B 95 -2.44 16.52 -34.23
C GLU B 95 -2.28 16.19 -35.72
N GLU B 96 -1.21 15.46 -36.03
CA GLU B 96 -0.92 14.99 -37.39
C GLU B 96 -0.54 13.51 -37.32
N SER B 97 -0.32 12.91 -38.48
CA SER B 97 0.17 11.53 -38.50
C SER B 97 1.57 11.45 -37.89
N CYS B 98 1.89 10.28 -37.36
N CYS B 98 1.89 10.28 -37.37
CA CYS B 98 3.14 10.07 -36.67
CA CYS B 98 3.15 10.09 -36.68
C CYS B 98 4.32 10.10 -37.64
C CYS B 98 4.32 10.12 -37.65
N LYS B 99 5.36 10.89 -37.30
CA LYS B 99 6.55 11.01 -38.12
C LYS B 99 7.81 10.65 -37.32
N TYR B 100 7.66 9.80 -36.30
CA TYR B 100 8.79 9.37 -35.51
C TYR B 100 9.89 8.77 -36.39
N ASN B 101 11.13 9.17 -36.11
CA ASN B 101 12.29 8.67 -36.82
C ASN B 101 13.26 8.19 -35.76
N PRO B 102 13.57 6.89 -35.68
CA PRO B 102 14.47 6.43 -34.62
C PRO B 102 15.88 7.01 -34.69
N LYS B 103 16.31 7.47 -35.86
CA LYS B 103 17.64 8.05 -35.97
C LYS B 103 17.80 9.25 -35.04
N TYR B 104 16.71 9.95 -34.74
CA TYR B 104 16.73 11.15 -33.92
C TYR B 104 16.25 10.92 -32.50
N SER B 105 16.13 9.67 -32.08
CA SER B 105 15.74 9.41 -30.71
C SER B 105 16.86 9.80 -29.75
N VAL B 106 16.50 10.49 -28.68
CA VAL B 106 17.46 10.93 -27.68
C VAL B 106 17.05 10.57 -26.26
N ALA B 107 15.94 9.85 -26.08
CA ALA B 107 15.45 9.49 -24.75
C ALA B 107 14.78 8.13 -24.81
N ASN B 108 14.73 7.46 -23.67
N ASN B 108 14.71 7.48 -23.66
CA ASN B 108 14.05 6.17 -23.54
CA ASN B 108 14.13 6.17 -23.48
C ASN B 108 13.68 6.00 -22.07
C ASN B 108 13.60 6.07 -22.06
N ASP B 109 12.73 5.10 -21.82
CA ASP B 109 12.39 4.73 -20.45
C ASP B 109 11.96 3.28 -20.41
N ALA B 110 11.90 2.74 -19.21
CA ALA B 110 11.42 1.40 -18.97
C ALA B 110 10.21 1.42 -18.05
N GLY B 111 9.25 2.27 -18.38
CA GLY B 111 8.02 2.33 -17.62
C GLY B 111 7.93 3.60 -16.81
N PHE B 112 7.17 3.57 -15.72
CA PHE B 112 6.94 4.76 -14.92
C PHE B 112 6.54 4.34 -13.50
N VAL B 113 6.57 5.35 -12.62
CA VAL B 113 6.29 5.20 -11.20
C VAL B 113 5.16 6.15 -10.86
N ASP B 114 4.10 5.64 -10.26
CA ASP B 114 3.03 6.44 -9.68
C ASP B 114 3.31 6.58 -8.19
N ILE B 115 3.50 7.83 -7.75
CA ILE B 115 3.75 8.16 -6.35
C ILE B 115 2.46 8.06 -5.57
N PRO B 116 2.47 7.52 -4.35
CA PRO B 116 1.23 7.49 -3.57
C PRO B 116 0.72 8.89 -3.26
N LYS B 117 -0.59 8.96 -3.01
N LYS B 117 -0.59 8.95 -2.95
CA LYS B 117 -1.31 10.24 -2.84
CA LYS B 117 -1.33 10.20 -2.80
C LYS B 117 -1.05 10.83 -1.45
C LYS B 117 -1.06 10.83 -1.43
N GLN B 118 0.17 11.31 -1.27
CA GLN B 118 0.53 12.04 -0.05
C GLN B 118 1.52 13.12 -0.44
N GLU B 119 1.30 14.34 0.05
CA GLU B 119 2.26 15.41 -0.21
C GLU B 119 3.63 15.10 0.38
N LYS B 120 3.68 14.35 1.48
CA LYS B 120 4.98 13.97 2.05
C LYS B 120 5.75 13.10 1.07
N ALA B 121 5.05 12.17 0.42
CA ALA B 121 5.68 11.30 -0.58
C ALA B 121 6.09 12.09 -1.81
N LEU B 122 5.26 13.06 -2.24
CA LEU B 122 5.64 13.90 -3.35
C LEU B 122 6.89 14.69 -3.02
N MET B 123 6.98 15.24 -1.81
CA MET B 123 8.17 15.97 -1.41
C MET B 123 9.42 15.10 -1.48
N LYS B 124 9.33 13.87 -0.96
N LYS B 124 9.34 13.87 -0.96
CA LYS B 124 10.47 12.96 -1.00
CA LYS B 124 10.50 12.99 -1.01
C LYS B 124 10.89 12.69 -2.43
C LYS B 124 10.91 12.70 -2.45
N ALA B 125 9.92 12.48 -3.33
CA ALA B 125 10.22 12.23 -4.73
C ALA B 125 10.87 13.45 -5.37
N VAL B 126 10.33 14.65 -5.12
CA VAL B 126 10.96 15.84 -5.71
C VAL B 126 12.39 15.96 -5.20
N ALA B 127 12.61 15.68 -3.91
CA ALA B 127 13.94 15.86 -3.35
C ALA B 127 14.95 14.85 -3.89
N THR B 128 14.51 13.63 -4.22
CA THR B 128 15.46 12.56 -4.49
C THR B 128 15.42 12.03 -5.91
N VAL B 129 14.38 12.34 -6.69
CA VAL B 129 14.22 11.84 -8.04
C VAL B 129 14.53 12.92 -9.08
N GLY B 130 13.97 14.10 -8.89
CA GLY B 130 14.02 15.15 -9.89
C GLY B 130 12.65 15.71 -10.13
N PRO B 131 12.49 16.46 -11.21
CA PRO B 131 11.15 17.00 -11.54
C PRO B 131 10.12 15.89 -11.72
N ILE B 132 8.90 16.17 -11.27
CA ILE B 132 7.81 15.19 -11.18
C ILE B 132 6.61 15.70 -11.97
N SER B 133 6.04 14.84 -12.80
CA SER B 133 4.79 15.17 -13.49
C SER B 133 3.63 15.10 -12.50
N VAL B 134 2.76 16.12 -12.54
CA VAL B 134 1.58 16.15 -11.69
C VAL B 134 0.38 16.66 -12.47
N ALA B 135 -0.80 16.26 -12.02
CA ALA B 135 -2.06 16.83 -12.50
C ALA B 135 -2.64 17.74 -11.42
N ILE B 136 -3.20 18.87 -11.84
CA ILE B 136 -3.80 19.82 -10.90
C ILE B 136 -5.14 20.26 -11.44
N ASP B 137 -5.98 20.71 -10.52
CA ASP B 137 -7.20 21.44 -10.85
C ASP B 137 -6.78 22.87 -11.20
N ALA B 138 -6.72 23.15 -12.50
CA ALA B 138 -6.40 24.48 -13.01
C ALA B 138 -7.62 25.17 -13.59
N GLY B 139 -8.81 24.64 -13.37
CA GLY B 139 -10.01 25.16 -13.99
C GLY B 139 -10.68 26.29 -13.24
N HIS B 140 -9.90 27.31 -12.93
CA HIS B 140 -10.41 28.50 -12.27
C HIS B 140 -9.72 29.71 -12.87
N GLU B 141 -10.47 30.81 -13.00
CA GLU B 141 -9.87 32.00 -13.61
C GLU B 141 -8.70 32.53 -12.79
N SER B 142 -8.69 32.30 -11.48
CA SER B 142 -7.53 32.69 -10.68
C SER B 142 -6.24 32.04 -11.19
N PHE B 143 -6.33 30.82 -11.71
CA PHE B 143 -5.15 30.20 -12.30
C PHE B 143 -4.81 30.81 -13.65
N LEU B 144 -5.82 31.04 -14.49
CA LEU B 144 -5.58 31.69 -15.77
C LEU B 144 -4.89 33.02 -15.59
N PHE B 145 -5.28 33.77 -14.57
CA PHE B 145 -4.82 35.14 -14.36
C PHE B 145 -3.63 35.23 -13.41
N TYR B 146 -3.10 34.11 -12.97
CA TYR B 146 -2.00 34.13 -12.01
C TYR B 146 -0.79 34.86 -12.54
N LYS B 147 -0.21 35.71 -11.68
N LYS B 147 -0.18 35.68 -11.67
CA LYS B 147 0.94 36.54 -12.04
CA LYS B 147 1.00 36.44 -12.06
C LYS B 147 2.11 36.34 -11.10
C LYS B 147 2.14 36.19 -11.09
N GLU B 148 1.88 36.29 -9.78
CA GLU B 148 2.93 36.19 -8.78
C GLU B 148 2.33 35.71 -7.47
N GLY B 149 3.18 35.22 -6.57
CA GLY B 149 2.76 34.83 -5.23
C GLY B 149 2.46 33.35 -5.10
N ILE B 150 1.99 32.97 -3.91
N ILE B 150 2.01 32.98 -3.90
CA ILE B 150 1.66 31.58 -3.64
CA ILE B 150 1.63 31.61 -3.59
C ILE B 150 0.18 31.36 -3.94
C ILE B 150 0.17 31.42 -3.97
N TYR B 151 -0.08 30.55 -4.95
CA TYR B 151 -1.42 30.29 -5.44
C TYR B 151 -2.21 29.44 -4.46
N PHE B 152 -3.34 29.97 -4.02
CA PHE B 152 -4.33 29.24 -3.24
C PHE B 152 -5.70 29.66 -3.74
N GLU B 153 -6.47 28.69 -4.21
CA GLU B 153 -7.83 28.94 -4.71
C GLU B 153 -8.81 28.21 -3.79
N PRO B 154 -9.65 28.91 -3.03
CA PRO B 154 -10.55 28.22 -2.10
C PRO B 154 -11.48 27.20 -2.74
N ASP B 155 -11.77 27.32 -4.03
CA ASP B 155 -12.66 26.40 -4.72
C ASP B 155 -11.91 25.28 -5.43
N CYS B 156 -10.61 25.13 -5.19
CA CYS B 156 -9.83 24.10 -5.87
C CYS B 156 -10.21 22.72 -5.36
N SER B 157 -10.28 21.76 -6.28
CA SER B 157 -10.55 20.37 -5.94
C SER B 157 -9.26 19.60 -5.74
N SER B 158 -9.23 18.76 -4.71
CA SER B 158 -8.11 17.86 -4.50
C SER B 158 -8.31 16.51 -5.18
N GLU B 159 -9.45 16.31 -5.83
N GLU B 159 -9.45 16.31 -5.83
CA GLU B 159 -9.77 15.03 -6.45
CA GLU B 159 -9.79 15.03 -6.44
C GLU B 159 -9.97 15.09 -7.95
C GLU B 159 -9.96 15.10 -7.95
N ASP B 160 -10.44 16.22 -8.48
CA ASP B 160 -10.78 16.35 -9.90
C ASP B 160 -9.81 17.34 -10.54
N MET B 161 -8.85 16.81 -11.29
CA MET B 161 -7.78 17.56 -11.91
C MET B 161 -7.96 17.56 -13.42
N ASP B 162 -7.49 18.63 -14.07
CA ASP B 162 -7.72 18.82 -15.50
C ASP B 162 -6.50 19.32 -16.26
N HIS B 163 -5.34 19.44 -15.62
CA HIS B 163 -4.19 20.06 -16.27
C HIS B 163 -2.91 19.42 -15.77
N GLY B 164 -2.02 19.07 -16.69
CA GLY B 164 -0.75 18.45 -16.35
C GLY B 164 0.36 19.47 -16.36
N VAL B 165 1.18 19.45 -15.29
CA VAL B 165 2.30 20.38 -15.13
C VAL B 165 3.47 19.62 -14.52
N LEU B 166 4.51 20.34 -14.11
CA LEU B 166 5.77 19.73 -13.68
C LEU B 166 6.27 20.41 -12.41
N VAL B 167 6.43 19.64 -11.35
CA VAL B 167 6.99 20.14 -10.10
C VAL B 167 8.50 20.06 -10.22
N VAL B 168 9.17 21.21 -10.15
CA VAL B 168 10.62 21.28 -10.26
C VAL B 168 11.28 21.60 -8.92
N GLY B 169 10.52 21.77 -7.86
CA GLY B 169 11.10 22.11 -6.58
C GLY B 169 10.02 22.46 -5.58
N TYR B 170 10.46 22.95 -4.43
CA TYR B 170 9.56 23.42 -3.40
C TYR B 170 10.33 24.37 -2.48
N GLY B 171 9.59 25.18 -1.72
CA GLY B 171 10.22 26.13 -0.85
C GLY B 171 9.32 26.59 0.26
N PHE B 172 9.78 27.63 0.95
CA PHE B 172 9.12 28.09 2.16
C PHE B 172 9.11 29.60 2.18
N GLU B 173 8.30 30.13 3.10
CA GLU B 173 8.24 31.56 3.36
C GLU B 173 9.43 32.02 4.17
N SER B 174 9.68 31.34 5.29
CA SER B 174 10.84 31.57 6.12
C SER B 174 11.27 30.24 6.72
N THR B 175 12.50 30.20 7.21
CA THR B 175 13.06 28.98 7.75
C THR B 175 12.16 28.34 8.80
N GLU B 176 11.42 29.16 9.55
CA GLU B 176 10.72 28.70 10.74
C GLU B 176 9.20 28.77 10.62
N SER B 177 8.68 29.13 9.46
CA SER B 177 7.24 29.27 9.28
C SER B 177 6.69 28.06 8.53
N ASP B 178 5.63 27.46 9.08
CA ASP B 178 4.86 26.46 8.35
C ASP B 178 3.93 27.09 7.33
N ASN B 179 3.75 28.40 7.38
CA ASN B 179 2.79 29.06 6.52
C ASN B 179 3.39 29.27 5.13
N ASN B 180 2.55 29.07 4.12
CA ASN B 180 2.87 29.52 2.78
C ASN B 180 4.12 28.84 2.23
N LYS B 181 4.26 27.56 2.56
CA LYS B 181 5.14 26.71 1.79
C LYS B 181 4.57 26.54 0.39
N TYR B 182 5.42 26.20 -0.57
CA TYR B 182 4.95 26.10 -1.94
C TYR B 182 5.68 25.03 -2.71
N TRP B 183 5.00 24.53 -3.73
CA TRP B 183 5.58 23.73 -4.80
C TRP B 183 5.94 24.68 -5.93
N LEU B 184 7.13 24.53 -6.49
CA LEU B 184 7.57 25.29 -7.64
C LEU B 184 7.21 24.54 -8.90
N VAL B 185 6.32 25.10 -9.71
CA VAL B 185 5.64 24.39 -10.80
C VAL B 185 5.91 25.09 -12.13
N LYS B 186 6.40 24.31 -13.09
CA LYS B 186 6.60 24.76 -14.46
C LYS B 186 5.33 24.46 -15.24
N ASN B 187 4.77 25.49 -15.87
CA ASN B 187 3.61 25.35 -16.73
C ASN B 187 4.09 25.35 -18.18
N SER B 188 3.14 25.14 -19.11
CA SER B 188 3.41 25.08 -20.54
C SER B 188 2.53 26.07 -21.31
N TRP B 189 2.37 27.26 -20.74
CA TRP B 189 1.56 28.32 -21.34
C TRP B 189 2.43 29.51 -21.75
N GLY B 190 3.72 29.28 -21.94
CA GLY B 190 4.63 30.34 -22.31
C GLY B 190 5.14 31.11 -21.10
N GLU B 191 6.14 31.95 -21.35
CA GLU B 191 6.77 32.64 -20.23
C GLU B 191 6.07 33.93 -19.85
N GLU B 192 5.08 34.37 -20.63
N GLU B 192 5.09 34.39 -20.64
CA GLU B 192 4.29 35.54 -20.29
CA GLU B 192 4.29 35.56 -20.25
C GLU B 192 3.28 35.24 -19.19
C GLU B 192 3.34 35.21 -19.11
N TRP B 193 2.80 34.00 -19.09
CA TRP B 193 1.89 33.61 -18.03
C TRP B 193 2.68 33.47 -16.73
N GLY B 194 2.06 33.87 -15.62
CA GLY B 194 2.67 33.61 -14.34
C GLY B 194 4.00 34.32 -14.15
N MET B 195 4.89 33.67 -13.39
CA MET B 195 6.22 34.19 -13.03
C MET B 195 7.20 33.55 -13.99
N GLY B 196 7.35 34.18 -15.15
CA GLY B 196 8.14 33.60 -16.21
C GLY B 196 7.69 32.23 -16.64
N GLY B 197 6.40 31.95 -16.54
CA GLY B 197 5.87 30.66 -16.90
C GLY B 197 5.74 29.67 -15.76
N TYR B 198 6.14 30.07 -14.55
CA TYR B 198 6.09 29.26 -13.35
C TYR B 198 5.00 29.76 -12.41
N VAL B 199 4.57 28.87 -11.51
CA VAL B 199 3.62 29.19 -10.46
C VAL B 199 4.09 28.53 -9.18
N LYS B 200 3.98 29.26 -8.07
CA LYS B 200 4.19 28.70 -6.73
C LYS B 200 2.83 28.27 -6.18
N MET B 201 2.63 26.97 -6.02
N MET B 201 2.61 26.95 -6.09
CA MET B 201 1.35 26.43 -5.59
CA MET B 201 1.36 26.37 -5.61
C MET B 201 1.42 25.98 -4.15
C MET B 201 1.46 26.04 -4.12
N ALA B 202 0.39 26.33 -3.39
CA ALA B 202 0.36 26.06 -1.96
C ALA B 202 0.70 24.60 -1.66
N LYS B 203 1.60 24.41 -0.70
CA LYS B 203 2.13 23.11 -0.32
C LYS B 203 1.75 22.81 1.12
N ASP B 204 1.41 21.55 1.37
CA ASP B 204 1.02 21.07 2.69
C ASP B 204 -0.21 21.80 3.22
N ARG B 205 -1.14 22.12 2.31
CA ARG B 205 -2.46 22.64 2.65
C ARG B 205 -3.51 21.67 2.12
N ARG B 206 -3.54 20.48 2.70
CA ARG B 206 -4.52 19.45 2.35
C ARG B 206 -4.57 19.15 0.85
N ASN B 207 -3.38 18.92 0.28
CA ASN B 207 -3.27 18.48 -1.11
C ASN B 207 -4.01 19.45 -2.04
N HIS B 208 -3.61 20.71 -1.94
CA HIS B 208 -4.32 21.76 -2.64
C HIS B 208 -4.28 21.54 -4.15
N CYS B 209 -5.45 21.66 -4.78
CA CYS B 209 -5.64 21.48 -6.21
C CYS B 209 -5.27 20.09 -6.70
N GLY B 210 -5.12 19.12 -5.79
CA GLY B 210 -4.86 17.74 -6.18
C GLY B 210 -3.45 17.46 -6.64
N ILE B 211 -2.49 18.28 -6.25
CA ILE B 211 -1.15 18.20 -6.82
C ILE B 211 -0.47 16.86 -6.52
N ALA B 212 -0.82 16.20 -5.42
CA ALA B 212 -0.28 14.90 -5.07
C ALA B 212 -1.20 13.76 -5.46
N SER B 213 -2.29 14.04 -6.18
CA SER B 213 -3.29 13.01 -6.49
C SER B 213 -2.94 12.15 -7.69
N ALA B 214 -2.09 12.63 -8.59
CA ALA B 214 -1.73 11.88 -9.79
C ALA B 214 -0.30 12.24 -10.22
N ALA B 215 0.64 12.03 -9.31
CA ALA B 215 2.04 12.39 -9.53
C ALA B 215 2.82 11.17 -10.02
N SER B 216 3.68 11.39 -11.02
CA SER B 216 4.45 10.26 -11.54
C SER B 216 5.70 10.73 -12.27
N TYR B 217 6.55 9.76 -12.62
CA TYR B 217 7.75 10.07 -13.39
C TYR B 217 8.20 8.80 -14.11
N PRO B 218 9.02 8.93 -15.15
CA PRO B 218 9.42 7.75 -15.92
C PRO B 218 10.58 7.04 -15.25
N THR B 219 10.61 5.72 -15.45
CA THR B 219 11.69 4.84 -14.99
C THR B 219 12.82 4.94 -15.99
N VAL B 220 13.95 5.47 -15.56
CA VAL B 220 15.12 5.66 -16.41
C VAL B 220 16.35 5.16 -15.64
N ALA C 1 -19.88 -10.83 31.21
CA ALA C 1 -19.65 -10.28 29.88
C ALA C 1 -19.97 -11.34 28.83
N PRO C 2 -20.28 -10.89 27.60
CA PRO C 2 -20.49 -11.84 26.50
C PRO C 2 -19.22 -12.62 26.19
N ARG C 3 -19.41 -13.75 25.50
CA ARG C 3 -18.27 -14.60 25.17
C ARG C 3 -17.42 -14.00 24.06
N SER C 4 -17.99 -13.15 23.21
CA SER C 4 -17.24 -12.46 22.17
C SER C 4 -17.87 -11.10 21.91
N VAL C 5 -17.03 -10.15 21.49
CA VAL C 5 -17.40 -8.77 21.24
C VAL C 5 -16.66 -8.29 20.00
N ASP C 6 -17.33 -7.50 19.15
CA ASP C 6 -16.66 -6.86 18.01
C ASP C 6 -17.36 -5.52 17.77
N TRP C 7 -16.76 -4.44 18.26
CA TRP C 7 -17.37 -3.14 18.16
C TRP C 7 -17.40 -2.59 16.74
N ARG C 8 -16.65 -3.20 15.81
CA ARG C 8 -16.75 -2.80 14.41
C ARG C 8 -18.15 -3.01 13.88
N GLU C 9 -18.80 -4.09 14.32
CA GLU C 9 -20.14 -4.43 13.86
C GLU C 9 -21.19 -3.48 14.37
N LYS C 10 -20.87 -2.68 15.40
CA LYS C 10 -21.81 -1.74 16.00
C LYS C 10 -21.58 -0.31 15.53
N GLY C 11 -20.58 -0.07 14.68
CA GLY C 11 -20.35 1.25 14.14
C GLY C 11 -19.36 2.11 14.92
N TYR C 12 -18.59 1.52 15.83
CA TYR C 12 -17.74 2.29 16.72
C TYR C 12 -16.36 2.59 16.15
N VAL C 13 -15.99 2.05 14.99
CA VAL C 13 -14.59 1.99 14.57
C VAL C 13 -14.41 2.50 13.15
N THR C 14 -13.49 3.44 12.98
CA THR C 14 -13.15 3.97 11.67
C THR C 14 -12.24 3.00 10.94
N PRO C 15 -12.04 3.19 9.64
CA PRO C 15 -11.07 2.35 8.93
C PRO C 15 -9.66 2.47 9.49
N VAL C 16 -8.86 1.44 9.15
CA VAL C 16 -7.46 1.41 9.57
C VAL C 16 -6.69 2.56 8.93
N LYS C 17 -5.85 3.20 9.73
CA LYS C 17 -5.01 4.30 9.33
C LYS C 17 -3.55 3.85 9.34
N ASN C 18 -2.67 4.74 8.88
CA ASN C 18 -1.25 4.43 8.81
C ASN C 18 -0.46 5.59 9.40
N GLN C 19 0.23 5.34 10.51
CA GLN C 19 1.03 6.39 11.13
C GLN C 19 2.30 6.70 10.36
N GLY C 20 2.66 5.88 9.37
CA GLY C 20 3.86 6.14 8.60
C GLY C 20 5.10 6.01 9.46
N GLN C 21 6.12 6.79 9.11
CA GLN C 21 7.41 6.76 9.80
C GLN C 21 7.46 7.90 10.81
N CYS C 22 6.66 7.73 11.86
CA CYS C 22 6.54 8.70 12.94
C CYS C 22 6.07 7.92 14.16
N GLY C 23 6.70 8.16 15.31
CA GLY C 23 6.36 7.44 16.52
C GLY C 23 5.12 7.96 17.21
N SER C 24 4.01 7.97 16.49
CA SER C 24 2.76 8.58 16.94
C SER C 24 1.68 7.56 17.25
N CYS C 25 2.06 6.31 17.49
CA CYS C 25 1.08 5.26 17.78
C CYS C 25 0.11 5.68 18.88
N TRP C 26 0.62 6.38 19.91
CA TRP C 26 -0.20 6.83 21.02
C TRP C 26 -1.34 7.71 20.55
N ALA C 27 -1.11 8.48 19.49
CA ALA C 27 -2.13 9.39 18.99
C ALA C 27 -3.22 8.64 18.22
N PHE C 28 -2.83 7.61 17.46
CA PHE C 28 -3.83 6.80 16.77
C PHE C 28 -4.62 5.95 17.75
N SER C 29 -3.96 5.43 18.78
CA SER C 29 -4.70 4.73 19.83
C SER C 29 -5.71 5.65 20.49
N ALA C 30 -5.30 6.88 20.82
CA ALA C 30 -6.20 7.80 21.48
C ALA C 30 -7.37 8.20 20.59
N THR C 31 -7.11 8.55 19.33
CA THR C 31 -8.23 8.92 18.46
C THR C 31 -9.17 7.74 18.28
N GLY C 32 -8.63 6.52 18.21
CA GLY C 32 -9.50 5.35 18.09
C GLY C 32 -10.44 5.23 19.27
N ALA C 33 -9.91 5.39 20.49
CA ALA C 33 -10.77 5.28 21.66
C ALA C 33 -11.76 6.42 21.72
N LEU C 34 -11.33 7.64 21.37
CA LEU C 34 -12.25 8.78 21.41
C LEU C 34 -13.30 8.68 20.30
N GLU C 35 -12.92 8.17 19.13
CA GLU C 35 -13.88 7.92 18.06
C GLU C 35 -14.99 7.01 18.56
N GLY C 36 -14.62 5.94 19.28
CA GLY C 36 -15.62 5.03 19.79
C GLY C 36 -16.52 5.66 20.83
N GLN C 37 -15.94 6.44 21.74
CA GLN C 37 -16.76 7.03 22.80
C GLN C 37 -17.65 8.14 22.27
N MET C 38 -17.16 8.94 21.31
CA MET C 38 -18.02 9.94 20.69
C MET C 38 -19.19 9.26 19.96
N PHE C 39 -18.93 8.15 19.28
CA PHE C 39 -20.01 7.42 18.64
C PHE C 39 -21.01 6.89 19.67
N ARG C 40 -20.50 6.32 20.77
CA ARG C 40 -21.38 5.85 21.83
C ARG C 40 -22.27 6.97 22.34
N LYS C 41 -21.74 8.19 22.41
CA LYS C 41 -22.49 9.31 22.96
C LYS C 41 -23.50 9.88 21.96
N THR C 42 -23.10 10.01 20.69
CA THR C 42 -23.88 10.77 19.72
C THR C 42 -24.46 9.94 18.58
N GLY C 43 -23.92 8.77 18.31
CA GLY C 43 -24.33 8.02 17.13
C GLY C 43 -23.63 8.44 15.86
N ARG C 44 -22.65 9.34 15.93
CA ARG C 44 -21.91 9.80 14.77
C ARG C 44 -20.47 9.33 14.89
N LEU C 45 -20.01 8.61 13.87
CA LEU C 45 -18.62 8.19 13.77
C LEU C 45 -17.88 9.20 12.89
N ILE C 46 -16.92 9.89 13.47
CA ILE C 46 -16.15 10.90 12.76
C ILE C 46 -14.67 10.66 13.04
N SER C 47 -13.89 10.52 11.97
CA SER C 47 -12.45 10.31 12.12
C SER C 47 -11.79 11.57 12.66
N LEU C 48 -10.93 11.39 13.67
CA LEU C 48 -10.34 12.48 14.43
C LEU C 48 -8.86 12.67 14.08
N SER C 49 -8.34 13.85 14.41
CA SER C 49 -7.05 14.31 13.90
C SER C 49 -5.91 13.86 14.83
N GLU C 50 -5.15 12.86 14.39
CA GLU C 50 -3.91 12.53 15.08
C GLU C 50 -2.90 13.67 15.00
N GLN C 51 -2.87 14.39 13.87
CA GLN C 51 -1.92 15.48 13.74
C GLN C 51 -2.17 16.57 14.79
N ASN C 52 -3.43 16.84 15.10
CA ASN C 52 -3.77 17.77 16.18
C ASN C 52 -3.09 17.36 17.47
N LEU C 53 -3.13 16.07 17.80
CA LEU C 53 -2.49 15.59 19.01
C LEU C 53 -0.97 15.70 18.92
N VAL C 54 -0.40 15.33 17.76
CA VAL C 54 1.06 15.36 17.60
C VAL C 54 1.58 16.78 17.77
N ASP C 55 0.86 17.75 17.20
CA ASP C 55 1.37 19.11 17.17
C ASP C 55 1.08 19.90 18.44
N CYS C 56 0.05 19.51 19.21
CA CYS C 56 -0.54 20.38 20.22
C CYS C 56 -0.50 19.87 21.65
N SER C 57 -0.27 18.58 21.89
CA SER C 57 -0.40 18.01 23.23
C SER C 57 0.92 17.87 23.96
N GLY C 58 1.95 18.61 23.53
CA GLY C 58 3.17 18.71 24.30
C GLY C 58 3.00 19.15 25.74
N PRO C 59 2.14 20.14 26.01
CA PRO C 59 2.02 20.60 27.41
C PRO C 59 1.47 19.55 28.34
N GLN C 60 0.77 18.55 27.82
CA GLN C 60 0.29 17.45 28.62
C GLN C 60 1.32 16.33 28.75
N GLY C 61 2.49 16.48 28.11
CA GLY C 61 3.56 15.51 28.26
C GLY C 61 3.91 14.73 27.01
N ASN C 62 3.19 14.91 25.92
CA ASN C 62 3.46 14.15 24.71
C ASN C 62 4.61 14.78 23.93
N GLU C 63 5.25 13.96 23.11
CA GLU C 63 6.46 14.36 22.40
C GLU C 63 6.37 14.02 20.92
N GLY C 64 5.20 14.17 20.34
CA GLY C 64 5.05 14.09 18.90
C GLY C 64 5.46 12.74 18.36
N CYS C 65 6.31 12.76 17.33
CA CYS C 65 6.80 11.53 16.73
C CYS C 65 7.82 10.84 17.63
N ASN C 66 8.24 11.45 18.73
CA ASN C 66 9.23 10.87 19.63
C ASN C 66 8.58 10.20 20.84
N GLY C 67 7.28 9.97 20.81
CA GLY C 67 6.62 9.28 21.91
C GLY C 67 5.52 10.07 22.58
N GLY C 68 4.67 9.35 23.31
CA GLY C 68 3.54 9.94 24.00
C GLY C 68 2.74 8.87 24.69
N LEU C 69 1.64 9.30 25.31
CA LEU C 69 0.73 8.40 26.01
C LEU C 69 -0.71 8.78 25.71
N MET C 70 -1.57 7.77 25.60
CA MET C 70 -2.97 8.01 25.32
C MET C 70 -3.61 8.88 26.41
N ASP C 71 -3.29 8.64 27.68
CA ASP C 71 -3.91 9.44 28.73
C ASP C 71 -3.52 10.90 28.62
N TYR C 72 -2.29 11.19 28.19
CA TYR C 72 -1.90 12.58 27.96
C TYR C 72 -2.72 13.19 26.84
N ALA C 73 -2.99 12.42 25.79
CA ALA C 73 -3.86 12.89 24.71
C ALA C 73 -5.27 13.16 25.21
N PHE C 74 -5.82 12.28 26.04
CA PHE C 74 -7.16 12.51 26.55
C PHE C 74 -7.18 13.75 27.42
N GLN C 75 -6.10 13.99 28.18
CA GLN C 75 -6.01 15.20 28.98
C GLN C 75 -5.92 16.46 28.11
N TYR C 76 -5.20 16.38 27.00
CA TYR C 76 -5.15 17.51 26.09
C TYR C 76 -6.54 17.88 25.59
N VAL C 77 -7.31 16.88 25.15
CA VAL C 77 -8.64 17.18 24.63
C VAL C 77 -9.48 17.89 25.69
N GLN C 78 -9.40 17.45 26.94
CA GLN C 78 -10.15 18.08 28.01
C GLN C 78 -9.66 19.50 28.26
N ASP C 79 -8.34 19.66 28.43
CA ASP C 79 -7.77 20.99 28.67
C ASP C 79 -8.09 21.94 27.53
N ASN C 80 -8.02 21.45 26.30
CA ASN C 80 -8.14 22.28 25.11
C ASN C 80 -9.58 22.60 24.79
N GLY C 81 -10.52 21.81 25.29
CA GLY C 81 -11.91 21.99 24.98
C GLY C 81 -12.33 21.49 23.62
N GLY C 82 -11.55 20.63 23.00
CA GLY C 82 -11.95 20.09 21.71
C GLY C 82 -10.80 19.42 21.01
N LEU C 83 -11.16 18.77 19.90
CA LEU C 83 -10.21 18.11 19.02
C LEU C 83 -10.78 18.16 17.61
N ASP C 84 -9.95 18.53 16.65
CA ASP C 84 -10.40 18.70 15.28
C ASP C 84 -10.58 17.36 14.58
N SER C 85 -11.39 17.39 13.52
CA SER C 85 -11.61 16.22 12.70
C SER C 85 -10.39 15.92 11.85
N GLU C 86 -10.23 14.64 11.49
CA GLU C 86 -9.20 14.25 10.54
C GLU C 86 -9.28 15.07 9.26
N GLU C 87 -10.50 15.30 8.76
CA GLU C 87 -10.65 15.99 7.49
C GLU C 87 -10.11 17.42 7.58
N SER C 88 -10.37 18.10 8.68
CA SER C 88 -9.96 19.50 8.83
C SER C 88 -8.48 19.65 9.14
N TYR C 89 -7.84 18.60 9.65
CA TYR C 89 -6.48 18.69 10.18
C TYR C 89 -5.81 17.35 9.90
N PRO C 90 -5.55 17.06 8.62
CA PRO C 90 -5.12 15.71 8.22
C PRO C 90 -3.68 15.43 8.60
N TYR C 91 -3.32 14.14 8.46
CA TYR C 91 -2.10 13.62 9.05
C TYR C 91 -0.90 13.85 8.16
N GLU C 92 0.19 14.38 8.75
CA GLU C 92 1.40 14.73 8.03
C GLU C 92 2.58 13.82 8.35
N ALA C 93 2.49 13.01 9.40
CA ALA C 93 3.56 12.09 9.78
C ALA C 93 4.85 12.82 10.16
N THR C 94 4.73 14.07 10.61
CA THR C 94 5.85 14.84 11.13
C THR C 94 5.28 15.91 12.05
N GLU C 95 6.05 16.27 13.08
CA GLU C 95 5.54 17.22 14.07
C GLU C 95 5.76 18.65 13.59
N GLU C 96 4.74 19.49 13.77
CA GLU C 96 4.79 20.89 13.40
C GLU C 96 4.12 21.70 14.49
N SER C 97 4.12 23.02 14.35
CA SER C 97 3.43 23.85 15.32
C SER C 97 1.93 23.58 15.29
N CYS C 98 1.27 23.91 16.39
N CYS C 98 1.27 23.92 16.40
CA CYS C 98 -0.13 23.57 16.57
CA CYS C 98 -0.15 23.64 16.59
C CYS C 98 -1.03 24.47 15.72
C CYS C 98 -0.99 24.50 15.65
N LYS C 99 -1.93 23.85 14.95
CA LYS C 99 -2.87 24.55 14.07
C LYS C 99 -4.32 24.28 14.44
N TYR C 100 -4.59 23.94 15.69
CA TYR C 100 -5.94 23.68 16.14
C TYR C 100 -6.84 24.87 15.87
N ASN C 101 -8.04 24.56 15.38
CA ASN C 101 -9.08 25.55 15.11
C ASN C 101 -10.33 25.09 15.84
N PRO C 102 -10.83 25.85 16.82
CA PRO C 102 -12.03 25.40 17.54
C PRO C 102 -13.26 25.26 16.64
N LYS C 103 -13.29 25.96 15.50
N LYS C 103 -13.28 25.96 15.50
CA LYS C 103 -14.44 25.87 14.61
CA LYS C 103 -14.43 25.88 14.60
C LYS C 103 -14.60 24.49 14.01
C LYS C 103 -14.60 24.48 14.01
N TYR C 104 -13.54 23.69 13.95
CA TYR C 104 -13.59 22.34 13.41
C TYR C 104 -13.47 21.27 14.47
N SER C 105 -13.66 21.63 15.73
CA SER C 105 -13.70 20.62 16.77
C SER C 105 -14.95 19.76 16.63
N VAL C 106 -14.78 18.45 16.75
CA VAL C 106 -15.91 17.53 16.59
C VAL C 106 -15.92 16.53 17.74
N ALA C 107 -15.04 16.71 18.72
CA ALA C 107 -14.94 15.77 19.83
C ALA C 107 -14.51 16.52 21.09
N ASN C 108 -14.89 15.96 22.24
CA ASN C 108 -14.50 16.51 23.53
C ASN C 108 -14.36 15.34 24.50
N ASP C 109 -13.67 15.58 25.60
CA ASP C 109 -13.74 14.63 26.70
C ASP C 109 -13.58 15.36 28.02
N ALA C 110 -14.00 14.68 29.08
CA ALA C 110 -13.98 15.22 30.43
C ALA C 110 -13.01 14.47 31.33
N GLY C 111 -11.96 13.93 30.72
CA GLY C 111 -10.97 13.16 31.44
C GLY C 111 -10.88 11.77 30.88
N PHE C 112 -10.40 10.85 31.71
CA PHE C 112 -10.13 9.51 31.26
C PHE C 112 -10.22 8.56 32.45
N VAL C 113 -10.33 7.28 32.12
CA VAL C 113 -10.46 6.20 33.08
C VAL C 113 -9.35 5.20 32.82
N ASP C 114 -8.53 4.97 33.82
CA ASP C 114 -7.52 3.91 33.76
C ASP C 114 -8.10 2.62 34.32
N ILE C 115 -7.80 1.53 33.63
CA ILE C 115 -8.32 0.20 33.97
C ILE C 115 -7.27 -0.53 34.80
N PRO C 116 -7.65 -1.25 35.86
CA PRO C 116 -6.68 -2.06 36.61
C PRO C 116 -5.90 -2.99 35.70
N LYS C 117 -4.71 -3.39 36.14
N LYS C 117 -4.69 -3.37 36.14
CA LYS C 117 -3.77 -4.14 35.31
CA LYS C 117 -3.77 -4.13 35.30
C LYS C 117 -4.07 -5.64 35.37
C LYS C 117 -4.07 -5.63 35.37
N GLN C 118 -5.27 -5.99 34.90
CA GLN C 118 -5.71 -7.37 34.87
C GLN C 118 -6.54 -7.58 33.61
N GLU C 119 -6.35 -8.72 32.96
CA GLU C 119 -7.08 -8.99 31.72
C GLU C 119 -8.58 -9.15 31.96
N LYS C 120 -8.97 -9.62 33.15
N LYS C 120 -8.96 -9.59 33.16
CA LYS C 120 -10.39 -9.67 33.46
CA LYS C 120 -10.39 -9.69 33.48
C LYS C 120 -11.00 -8.27 33.46
C LYS C 120 -11.04 -8.31 33.56
N ALA C 121 -10.31 -7.31 34.07
CA ALA C 121 -10.83 -5.96 34.11
C ALA C 121 -10.87 -5.39 32.70
N LEU C 122 -9.86 -5.71 31.87
CA LEU C 122 -9.89 -5.24 30.50
C LEU C 122 -11.08 -5.82 29.75
N MET C 123 -11.37 -7.12 29.95
N MET C 123 -11.37 -7.12 29.94
CA MET C 123 -12.51 -7.72 29.28
CA MET C 123 -12.52 -7.71 29.27
C MET C 123 -13.81 -7.00 29.65
C MET C 123 -13.81 -6.99 29.65
N LYS C 124 -14.00 -6.75 30.95
CA LYS C 124 -15.22 -6.06 31.37
C LYS C 124 -15.33 -4.68 30.73
N ALA C 125 -14.21 -3.96 30.62
CA ALA C 125 -14.23 -2.63 30.00
C ALA C 125 -14.56 -2.73 28.52
N VAL C 126 -13.92 -3.65 27.79
CA VAL C 126 -14.26 -3.81 26.38
C VAL C 126 -15.73 -4.13 26.23
N ALA C 127 -16.28 -4.97 27.12
CA ALA C 127 -17.66 -5.42 27.00
C ALA C 127 -18.65 -4.28 27.26
N THR C 128 -18.32 -3.40 28.20
CA THR C 128 -19.28 -2.42 28.68
C THR C 128 -19.03 -1.00 28.21
N VAL C 129 -17.86 -0.70 27.64
CA VAL C 129 -17.48 0.67 27.31
C VAL C 129 -17.37 0.88 25.81
N GLY C 130 -16.69 -0.02 25.12
CA GLY C 130 -16.35 0.17 23.73
C GLY C 130 -14.88 -0.07 23.54
N PRO C 131 -14.32 0.39 22.41
CA PRO C 131 -12.89 0.20 22.16
C PRO C 131 -12.03 0.85 23.24
N ILE C 132 -10.93 0.18 23.60
CA ILE C 132 -10.07 0.57 24.71
C ILE C 132 -8.64 0.79 24.20
N SER C 133 -8.04 1.90 24.60
CA SER C 133 -6.64 2.14 24.29
C SER C 133 -5.75 1.26 25.16
N VAL C 134 -4.74 0.62 24.54
CA VAL C 134 -3.80 -0.19 25.28
C VAL C 134 -2.39 -0.01 24.73
N ALA C 135 -1.41 -0.29 25.56
CA ALA C 135 -0.01 -0.38 25.16
C ALA C 135 0.43 -1.84 25.18
N ILE C 136 1.23 -2.23 24.17
CA ILE C 136 1.76 -3.59 24.07
C ILE C 136 3.24 -3.54 23.78
N ASP C 137 3.90 -4.66 24.06
CA ASP C 137 5.25 -4.94 23.57
C ASP C 137 5.11 -5.44 22.14
N ALA C 138 5.37 -4.56 21.17
CA ALA C 138 5.37 -4.92 19.75
C ALA C 138 6.78 -5.03 19.19
N GLY C 139 7.79 -5.00 20.05
CA GLY C 139 9.17 -4.94 19.61
C GLY C 139 9.78 -6.28 19.28
N HIS C 140 9.10 -7.05 18.44
CA HIS C 140 9.60 -8.34 17.99
C HIS C 140 9.27 -8.51 16.51
N GLU C 141 10.16 -9.17 15.77
CA GLU C 141 9.93 -9.26 14.33
C GLU C 141 8.68 -10.09 14.02
N SER C 142 8.29 -11.00 14.92
CA SER C 142 7.06 -11.75 14.70
C SER C 142 5.86 -10.82 14.61
N PHE C 143 5.85 -9.72 15.36
CA PHE C 143 4.77 -8.74 15.24
C PHE C 143 4.86 -7.99 13.92
N LEU C 144 6.07 -7.61 13.50
CA LEU C 144 6.23 -6.94 12.22
C LEU C 144 5.67 -7.79 11.08
N PHE C 145 5.89 -9.11 11.15
CA PHE C 145 5.57 -10.02 10.06
C PHE C 145 4.18 -10.67 10.19
N TYR C 146 3.41 -10.30 11.21
CA TYR C 146 2.14 -10.95 11.47
C TYR C 146 1.19 -10.81 10.28
N LYS C 147 0.51 -11.91 9.95
CA LYS C 147 -0.44 -11.93 8.84
C LYS C 147 -1.82 -12.45 9.26
N GLU C 148 -1.86 -13.56 10.00
N GLU C 148 -1.87 -13.57 9.96
CA GLU C 148 -3.10 -14.24 10.33
CA GLU C 148 -3.15 -14.14 10.36
C GLU C 148 -2.90 -15.01 11.64
C GLU C 148 -2.92 -15.05 11.57
N GLY C 149 -4.01 -15.33 12.29
CA GLY C 149 -3.98 -16.23 13.43
C GLY C 149 -3.90 -15.49 14.76
N ILE C 150 -3.77 -16.30 15.81
N ILE C 150 -3.79 -16.28 15.82
CA ILE C 150 -3.64 -15.81 17.18
CA ILE C 150 -3.68 -15.72 17.17
C ILE C 150 -2.17 -15.48 17.41
C ILE C 150 -2.21 -15.47 17.46
N TYR C 151 -1.86 -14.21 17.60
CA TYR C 151 -0.48 -13.82 17.82
C TYR C 151 -0.04 -14.22 19.22
N PHE C 152 1.07 -14.96 19.29
CA PHE C 152 1.72 -15.27 20.56
C PHE C 152 3.22 -15.29 20.32
N GLU C 153 3.95 -14.49 21.10
CA GLU C 153 5.40 -14.34 20.97
C GLU C 153 6.04 -14.75 22.29
N PRO C 154 6.73 -15.90 22.36
CA PRO C 154 7.28 -16.33 23.65
C PRO C 154 8.19 -15.32 24.34
N ASP C 155 8.83 -14.43 23.59
N ASP C 155 8.83 -14.43 23.59
CA ASP C 155 9.75 -13.45 24.16
CA ASP C 155 9.74 -13.45 24.16
C ASP C 155 9.06 -12.13 24.52
C ASP C 155 9.07 -12.13 24.50
N CYS C 156 7.74 -12.06 24.44
CA CYS C 156 7.05 -10.82 24.75
C CYS C 156 7.18 -10.49 26.23
N SER C 157 7.17 -9.20 26.53
CA SER C 157 7.23 -8.70 27.89
C SER C 157 5.84 -8.20 28.32
N SER C 158 5.47 -8.52 29.55
CA SER C 158 4.23 -8.03 30.13
C SER C 158 4.40 -6.70 30.87
N GLU C 159 5.64 -6.20 30.99
N GLU C 159 5.63 -6.20 30.99
CA GLU C 159 5.89 -4.96 31.72
CA GLU C 159 5.91 -4.97 31.72
C GLU C 159 6.54 -3.88 30.88
C GLU C 159 6.52 -3.87 30.87
N ASP C 160 7.18 -4.22 29.77
CA ASP C 160 7.88 -3.26 28.92
C ASP C 160 7.14 -3.16 27.59
N MET C 161 6.25 -2.18 27.48
CA MET C 161 5.47 -1.96 26.28
C MET C 161 6.06 -0.77 25.51
N ASP C 162 5.85 -0.78 24.19
CA ASP C 162 6.47 0.21 23.32
C ASP C 162 5.55 0.69 22.21
N HIS C 163 4.30 0.27 22.18
CA HIS C 163 3.43 0.55 21.05
C HIS C 163 1.99 0.62 21.54
N GLY C 164 1.28 1.66 21.11
CA GLY C 164 -0.10 1.87 21.49
C GLY C 164 -1.02 1.42 20.38
N VAL C 165 -2.05 0.66 20.75
CA VAL C 165 -3.03 0.13 19.80
C VAL C 165 -4.42 0.21 20.44
N LEU C 166 -5.43 -0.38 19.79
CA LEU C 166 -6.82 -0.24 20.21
C LEU C 166 -7.48 -1.61 20.23
N VAL C 167 -8.02 -2.01 21.38
CA VAL C 167 -8.76 -3.26 21.50
C VAL C 167 -10.20 -2.97 21.12
N VAL C 168 -10.68 -3.61 20.05
CA VAL C 168 -12.04 -3.42 19.56
C VAL C 168 -12.95 -4.59 19.88
N GLY C 169 -12.44 -5.63 20.50
CA GLY C 169 -13.27 -6.78 20.83
C GLY C 169 -12.43 -7.91 21.36
N TYR C 170 -13.05 -9.07 21.42
CA TYR C 170 -12.38 -10.29 21.87
C TYR C 170 -13.23 -11.47 21.42
N GLY C 171 -12.61 -12.64 21.43
CA GLY C 171 -13.32 -13.82 21.01
C GLY C 171 -12.63 -15.07 21.50
N PHE C 172 -13.07 -16.20 20.96
CA PHE C 172 -12.55 -17.47 21.40
C PHE C 172 -12.43 -18.40 20.21
N GLU C 173 -11.78 -19.53 20.46
CA GLU C 173 -11.55 -20.54 19.45
C GLU C 173 -12.77 -21.41 19.26
N SER C 174 -13.35 -21.89 20.36
CA SER C 174 -14.53 -22.73 20.34
C SER C 174 -15.08 -22.77 21.76
N THR C 175 -16.32 -23.22 21.88
CA THR C 175 -16.88 -23.46 23.20
C THR C 175 -16.32 -24.73 23.81
N GLU C 176 -15.73 -25.60 22.99
CA GLU C 176 -15.23 -26.86 23.50
C GLU C 176 -14.05 -26.68 24.45
N SER C 177 -13.45 -25.49 24.49
CA SER C 177 -12.42 -25.20 25.46
C SER C 177 -12.19 -23.69 25.51
N ASP C 178 -11.42 -23.27 26.51
CA ASP C 178 -11.02 -21.88 26.65
C ASP C 178 -9.66 -21.61 26.02
N ASN C 179 -9.18 -22.54 25.20
CA ASN C 179 -7.88 -22.38 24.59
C ASN C 179 -7.91 -21.33 23.50
N ASN C 180 -6.80 -20.59 23.37
CA ASN C 180 -6.58 -19.72 22.23
C ASN C 180 -7.68 -18.67 22.12
N LYS C 181 -8.05 -18.07 23.25
CA LYS C 181 -8.85 -16.86 23.21
C LYS C 181 -8.00 -15.70 22.70
N TYR C 182 -8.66 -14.63 22.27
CA TYR C 182 -7.91 -13.53 21.70
C TYR C 182 -8.60 -12.19 21.93
N TRP C 183 -7.77 -11.16 21.94
CA TRP C 183 -8.21 -9.79 21.84
C TRP C 183 -8.17 -9.38 20.36
N LEU C 184 -9.20 -8.68 19.91
CA LEU C 184 -9.23 -8.17 18.54
C LEU C 184 -8.68 -6.76 18.58
N VAL C 185 -7.57 -6.54 17.87
CA VAL C 185 -6.78 -5.32 18.03
C VAL C 185 -6.60 -4.60 16.70
N LYS C 186 -6.95 -3.32 16.67
CA LYS C 186 -6.71 -2.45 15.52
C LYS C 186 -5.34 -1.79 15.66
N ASN C 187 -4.49 -1.97 14.67
CA ASN C 187 -3.19 -1.33 14.60
C ASN C 187 -3.31 -0.09 13.71
N SER C 188 -2.21 0.67 13.61
CA SER C 188 -2.12 1.87 12.78
C SER C 188 -0.95 1.80 11.81
N TRP C 189 -0.75 0.63 11.20
CA TRP C 189 0.30 0.42 10.23
C TRP C 189 -0.23 0.15 8.82
N GLY C 190 -1.47 0.59 8.55
CA GLY C 190 -2.08 0.39 7.27
C GLY C 190 -2.72 -0.98 7.16
N GLU C 191 -3.43 -1.16 6.03
CA GLU C 191 -4.21 -2.37 5.79
C GLU C 191 -3.36 -3.53 5.30
N GLU C 192 -2.15 -3.29 4.77
CA GLU C 192 -1.35 -4.41 4.32
C GLU C 192 -0.90 -5.25 5.51
N TRP C 193 -0.55 -4.60 6.61
CA TRP C 193 -0.10 -5.32 7.79
C TRP C 193 -1.21 -6.17 8.37
N GLY C 194 -0.86 -7.38 8.78
CA GLY C 194 -1.83 -8.17 9.53
C GLY C 194 -3.03 -8.57 8.70
N MET C 195 -4.18 -8.66 9.38
N MET C 195 -4.17 -8.64 9.38
CA MET C 195 -5.45 -9.05 8.78
CA MET C 195 -5.45 -9.03 8.79
C MET C 195 -6.23 -7.77 8.49
C MET C 195 -6.22 -7.76 8.50
N GLY C 196 -5.96 -7.17 7.33
CA GLY C 196 -6.53 -5.88 7.02
C GLY C 196 -6.17 -4.83 8.04
N GLY C 197 -4.99 -4.94 8.65
CA GLY C 197 -4.54 -4.00 9.66
C GLY C 197 -4.88 -4.36 11.10
N TYR C 198 -5.53 -5.50 11.31
CA TYR C 198 -5.91 -5.99 12.61
C TYR C 198 -5.06 -7.19 13.01
N VAL C 199 -4.98 -7.43 14.32
CA VAL C 199 -4.30 -8.61 14.85
C VAL C 199 -5.14 -9.21 15.97
N LYS C 200 -5.16 -10.53 16.03
CA LYS C 200 -5.76 -11.25 17.15
C LYS C 200 -4.63 -11.59 18.10
N MET C 201 -4.62 -10.96 19.27
N MET C 201 -4.62 -10.98 19.27
CA MET C 201 -3.58 -11.13 20.27
CA MET C 201 -3.54 -11.18 20.23
C MET C 201 -4.04 -12.13 21.33
C MET C 201 -4.00 -12.07 21.38
N ALA C 202 -3.11 -12.97 21.79
CA ALA C 202 -3.44 -13.96 22.81
C ALA C 202 -4.08 -13.31 24.03
N LYS C 203 -5.20 -13.88 24.46
CA LYS C 203 -5.98 -13.38 25.58
C LYS C 203 -5.99 -14.42 26.70
N ASP C 204 -5.82 -13.93 27.93
CA ASP C 204 -5.84 -14.77 29.12
C ASP C 204 -4.66 -15.74 29.16
N ARG C 205 -3.53 -15.29 28.65
CA ARG C 205 -2.27 -16.04 28.69
C ARG C 205 -1.23 -15.18 29.39
N ARG C 206 -1.44 -14.95 30.69
CA ARG C 206 -0.50 -14.25 31.55
C ARG C 206 -0.22 -12.83 31.10
N ASN C 207 -1.27 -12.11 30.71
CA ASN C 207 -1.17 -10.72 30.28
C ASN C 207 -0.13 -10.57 29.17
N HIS C 208 -0.35 -11.33 28.10
CA HIS C 208 0.65 -11.46 27.05
C HIS C 208 0.93 -10.11 26.38
N CYS C 209 2.22 -9.79 26.24
CA CYS C 209 2.70 -8.55 25.65
C CYS C 209 2.24 -7.32 26.42
N GLY C 210 1.73 -7.48 27.64
CA GLY C 210 1.38 -6.34 28.47
C GLY C 210 0.09 -5.66 28.10
N ILE C 211 -0.82 -6.36 27.41
CA ILE C 211 -1.98 -5.72 26.81
C ILE C 211 -2.89 -5.13 27.86
N ALA C 212 -2.88 -5.66 29.08
CA ALA C 212 -3.71 -5.13 30.16
C ALA C 212 -2.95 -4.19 31.09
N SER C 213 -1.68 -3.86 30.79
CA SER C 213 -0.85 -3.13 31.74
C SER C 213 -1.02 -1.62 31.69
N ALA C 214 -1.53 -1.05 30.60
CA ALA C 214 -1.68 0.40 30.47
C ALA C 214 -2.90 0.69 29.61
N ALA C 215 -4.06 0.21 30.06
CA ALA C 215 -5.31 0.32 29.33
C ALA C 215 -6.17 1.44 29.90
N SER C 216 -6.81 2.20 29.00
CA SER C 216 -7.63 3.34 29.42
C SER C 216 -8.58 3.75 28.30
N TYR C 217 -9.51 4.63 28.65
CA TYR C 217 -10.43 5.19 27.67
C TYR C 217 -10.84 6.58 28.13
N PRO C 218 -11.29 7.42 27.21
CA PRO C 218 -11.72 8.78 27.61
C PRO C 218 -13.14 8.80 28.12
N THR C 219 -13.40 9.73 29.03
CA THR C 219 -14.73 10.01 29.55
C THR C 219 -15.38 11.05 28.67
N VAL C 220 -16.50 10.70 28.04
CA VAL C 220 -17.26 11.64 27.23
C VAL C 220 -18.60 11.91 27.89
N ALA D 1 19.74 -16.17 -21.85
CA ALA D 1 19.38 -16.99 -20.69
C ALA D 1 18.05 -17.68 -20.96
N PRO D 2 17.70 -18.67 -20.14
CA PRO D 2 16.34 -19.24 -20.23
C PRO D 2 15.31 -18.21 -19.79
N ARG D 3 14.04 -18.51 -20.06
CA ARG D 3 12.98 -17.58 -19.67
C ARG D 3 12.77 -17.56 -18.16
N SER D 4 13.11 -18.65 -17.47
N SER D 4 13.11 -18.66 -17.48
CA SER D 4 13.00 -18.71 -16.03
CA SER D 4 12.94 -18.78 -16.04
C SER D 4 14.00 -19.70 -15.48
C SER D 4 14.04 -19.69 -15.49
N VAL D 5 14.40 -19.45 -14.24
CA VAL D 5 15.36 -20.27 -13.50
C VAL D 5 14.90 -20.39 -12.06
N ASP D 6 15.07 -21.57 -11.47
CA ASP D 6 14.84 -21.76 -10.03
C ASP D 6 15.83 -22.81 -9.53
N TRP D 7 16.91 -22.34 -8.92
CA TRP D 7 17.95 -23.24 -8.47
C TRP D 7 17.53 -24.12 -7.30
N ARG D 8 16.43 -23.80 -6.63
CA ARG D 8 15.94 -24.66 -5.56
C ARG D 8 15.61 -26.04 -6.09
N GLU D 9 15.08 -26.09 -7.32
CA GLU D 9 14.67 -27.36 -7.93
C GLU D 9 15.85 -28.22 -8.30
N LYS D 10 17.06 -27.65 -8.38
CA LYS D 10 18.24 -28.39 -8.75
C LYS D 10 19.11 -28.76 -7.55
N GLY D 11 18.68 -28.42 -6.34
CA GLY D 11 19.39 -28.84 -5.14
C GLY D 11 20.46 -27.89 -4.64
N TYR D 12 20.47 -26.65 -5.12
CA TYR D 12 21.51 -25.71 -4.80
C TYR D 12 21.26 -24.89 -3.53
N VAL D 13 20.08 -24.99 -2.90
CA VAL D 13 19.64 -23.98 -1.93
C VAL D 13 19.17 -24.66 -0.65
N THR D 14 19.74 -24.22 0.49
CA THR D 14 19.30 -24.69 1.81
C THR D 14 17.98 -24.04 2.21
N PRO D 15 17.32 -24.53 3.25
CA PRO D 15 16.12 -23.85 3.74
C PRO D 15 16.42 -22.44 4.22
N VAL D 16 15.34 -21.67 4.32
CA VAL D 16 15.42 -20.30 4.83
C VAL D 16 15.86 -20.28 6.27
N LYS D 17 16.77 -19.36 6.58
CA LYS D 17 17.33 -19.18 7.91
C LYS D 17 16.85 -17.84 8.47
N ASN D 18 17.23 -17.54 9.71
CA ASN D 18 16.78 -16.31 10.37
C ASN D 18 17.95 -15.66 11.08
N GLN D 19 18.33 -14.46 10.61
CA GLN D 19 19.43 -13.74 11.21
C GLN D 19 19.10 -13.15 12.58
N GLY D 20 17.84 -13.13 13.00
CA GLY D 20 17.53 -12.52 14.28
C GLY D 20 17.81 -11.03 14.31
N GLN D 21 18.08 -10.52 15.51
CA GLN D 21 18.30 -9.09 15.72
C GLN D 21 19.79 -8.79 15.69
N CYS D 22 20.35 -9.00 14.51
CA CYS D 22 21.77 -8.86 14.26
C CYS D 22 21.90 -8.44 12.80
N GLY D 23 22.73 -7.43 12.54
CA GLY D 23 22.93 -6.95 11.18
C GLY D 23 23.89 -7.81 10.37
N SER D 24 23.58 -9.10 10.26
CA SER D 24 24.44 -10.10 9.63
C SER D 24 23.90 -10.59 8.29
N CYS D 25 22.97 -9.84 7.69
CA CYS D 25 22.43 -10.22 6.39
C CYS D 25 23.52 -10.62 5.41
N TRP D 26 24.64 -9.90 5.43
CA TRP D 26 25.74 -10.14 4.50
C TRP D 26 26.32 -11.54 4.68
N ALA D 27 26.30 -12.05 5.91
CA ALA D 27 26.81 -13.38 6.16
C ALA D 27 25.86 -14.45 5.60
N PHE D 28 24.56 -14.22 5.72
CA PHE D 28 23.57 -15.15 5.18
C PHE D 28 23.58 -15.14 3.65
N SER D 29 23.71 -13.96 3.06
CA SER D 29 23.86 -13.89 1.62
C SER D 29 25.10 -14.64 1.16
N ALA D 30 26.21 -14.46 1.88
CA ALA D 30 27.47 -15.09 1.48
C ALA D 30 27.40 -16.61 1.63
N THR D 31 26.87 -17.11 2.75
CA THR D 31 26.75 -18.56 2.88
C THR D 31 25.82 -19.14 1.81
N GLY D 32 24.75 -18.44 1.48
CA GLY D 32 23.86 -18.93 0.44
C GLY D 32 24.57 -19.09 -0.90
N ALA D 33 25.38 -18.10 -1.28
CA ALA D 33 26.09 -18.17 -2.55
C ALA D 33 27.15 -19.28 -2.52
N LEU D 34 27.85 -19.41 -1.38
CA LEU D 34 28.87 -20.45 -1.27
C LEU D 34 28.23 -21.83 -1.20
N GLU D 35 27.08 -21.96 -0.53
CA GLU D 35 26.35 -23.23 -0.52
C GLU D 35 26.06 -23.68 -1.95
N GLY D 36 25.62 -22.76 -2.78
CA GLY D 36 25.31 -23.09 -4.16
C GLY D 36 26.54 -23.47 -4.96
N GLN D 37 27.63 -22.72 -4.81
CA GLN D 37 28.82 -23.04 -5.61
C GLN D 37 29.48 -24.32 -5.13
N MET D 38 29.47 -24.58 -3.83
CA MET D 38 29.98 -25.86 -3.35
C MET D 38 29.15 -27.01 -3.88
N PHE D 39 27.82 -26.84 -3.97
CA PHE D 39 27.00 -27.90 -4.54
C PHE D 39 27.34 -28.12 -6.01
N ARG D 40 27.53 -27.03 -6.75
CA ARG D 40 27.91 -27.13 -8.15
C ARG D 40 29.20 -27.92 -8.32
N LYS D 41 30.13 -27.75 -7.39
CA LYS D 41 31.43 -28.40 -7.49
C LYS D 41 31.40 -29.87 -7.05
N THR D 42 30.68 -30.17 -5.97
CA THR D 42 30.76 -31.49 -5.35
C THR D 42 29.49 -32.34 -5.46
N GLY D 43 28.35 -31.72 -5.74
CA GLY D 43 27.08 -32.41 -5.71
C GLY D 43 26.48 -32.61 -4.33
N ARG D 44 27.04 -32.00 -3.30
CA ARG D 44 26.53 -32.12 -1.95
C ARG D 44 26.20 -30.73 -1.41
N LEU D 45 25.00 -30.59 -0.90
CA LEU D 45 24.52 -29.37 -0.28
C LEU D 45 24.74 -29.47 1.22
N ILE D 46 25.53 -28.53 1.77
CA ILE D 46 25.85 -28.51 3.19
C ILE D 46 25.64 -27.08 3.67
N SER D 47 24.79 -26.92 4.67
CA SER D 47 24.56 -25.61 5.28
C SER D 47 25.82 -25.09 5.97
N LEU D 48 26.14 -23.82 5.72
CA LEU D 48 27.38 -23.21 6.17
C LEU D 48 27.12 -22.21 7.30
N SER D 49 28.19 -21.97 8.07
CA SER D 49 28.10 -21.22 9.33
C SER D 49 28.20 -19.70 9.10
N GLU D 50 27.08 -19.01 9.28
CA GLU D 50 27.10 -17.56 9.34
C GLU D 50 27.85 -17.06 10.56
N GLN D 51 27.74 -17.77 11.69
CA GLN D 51 28.44 -17.35 12.91
C GLN D 51 29.95 -17.31 12.67
N ASN D 52 30.48 -18.29 11.95
CA ASN D 52 31.90 -18.30 11.60
C ASN D 52 32.26 -17.00 10.89
N LEU D 53 31.40 -16.54 9.99
CA LEU D 53 31.67 -15.27 9.30
C LEU D 53 31.57 -14.07 10.25
N VAL D 54 30.51 -14.04 11.07
CA VAL D 54 30.30 -12.92 12.00
C VAL D 54 31.50 -12.77 12.94
N ASP D 55 31.99 -13.89 13.47
CA ASP D 55 33.01 -13.85 14.51
C ASP D 55 34.42 -13.66 13.95
N CYS D 56 34.67 -14.09 12.70
CA CYS D 56 36.05 -14.28 12.24
C CYS D 56 36.48 -13.42 11.06
N SER D 57 35.56 -12.77 10.33
CA SER D 57 35.93 -12.08 9.10
C SER D 57 36.16 -10.59 9.30
N GLY D 58 36.37 -10.15 10.54
CA GLY D 58 36.78 -8.78 10.78
C GLY D 58 38.02 -8.34 10.04
N PRO D 59 39.05 -9.18 9.94
CA PRO D 59 40.29 -8.73 9.26
C PRO D 59 40.06 -8.40 7.79
N GLN D 60 39.05 -8.97 7.16
CA GLN D 60 38.71 -8.68 5.78
C GLN D 60 37.81 -7.47 5.65
N GLY D 61 37.40 -6.87 6.77
CA GLY D 61 36.63 -5.63 6.75
C GLY D 61 35.23 -5.75 7.30
N ASN D 62 34.79 -6.92 7.70
CA ASN D 62 33.44 -7.07 8.21
C ASN D 62 33.36 -6.67 9.67
N GLU D 63 32.16 -6.34 10.11
CA GLU D 63 31.92 -5.78 11.42
C GLU D 63 30.77 -6.50 12.12
N GLY D 64 30.68 -7.81 11.91
CA GLY D 64 29.77 -8.61 12.72
C GLY D 64 28.32 -8.20 12.53
N CYS D 65 27.62 -7.98 13.66
CA CYS D 65 26.24 -7.53 13.62
C CYS D 65 26.11 -6.07 13.24
N ASN D 66 27.22 -5.35 13.09
CA ASN D 66 27.19 -3.95 12.72
C ASN D 66 27.36 -3.73 11.23
N GLY D 67 27.36 -4.80 10.44
CA GLY D 67 27.42 -4.68 8.99
C GLY D 67 28.61 -5.40 8.40
N GLY D 68 28.57 -5.53 7.09
CA GLY D 68 29.56 -6.29 6.37
C GLY D 68 29.23 -6.36 4.90
N LEU D 69 30.06 -7.09 4.17
CA LEU D 69 29.90 -7.26 2.73
C LEU D 69 30.18 -8.70 2.35
N MET D 70 29.41 -9.20 1.39
CA MET D 70 29.59 -10.57 0.94
C MET D 70 30.99 -10.77 0.36
N ASP D 71 31.51 -9.81 -0.40
CA ASP D 71 32.84 -10.00 -0.96
C ASP D 71 33.88 -10.15 0.13
N TYR D 72 33.73 -9.43 1.25
CA TYR D 72 34.68 -9.58 2.35
C TYR D 72 34.54 -10.96 2.98
N ALA D 73 33.34 -11.49 3.03
CA ALA D 73 33.15 -12.86 3.49
C ALA D 73 33.84 -13.86 2.55
N PHE D 74 33.67 -13.70 1.23
CA PHE D 74 34.36 -14.62 0.32
C PHE D 74 35.88 -14.49 0.47
N GLN D 75 36.38 -13.27 0.71
CA GLN D 75 37.81 -13.08 0.94
C GLN D 75 38.27 -13.79 2.20
N TYR D 76 37.46 -13.76 3.26
CA TYR D 76 37.81 -14.48 4.48
C TYR D 76 37.96 -15.98 4.21
N VAL D 77 36.99 -16.56 3.51
CA VAL D 77 37.04 -17.99 3.25
C VAL D 77 38.33 -18.34 2.50
N GLN D 78 38.70 -17.51 1.52
CA GLN D 78 39.94 -17.72 0.76
C GLN D 78 41.16 -17.60 1.65
N ASP D 79 41.25 -16.50 2.41
CA ASP D 79 42.39 -16.24 3.28
C ASP D 79 42.51 -17.34 4.34
N ASN D 80 41.37 -17.77 4.90
CA ASN D 80 41.37 -18.70 6.01
C ASN D 80 41.53 -20.15 5.57
N GLY D 81 41.30 -20.44 4.29
CA GLY D 81 41.37 -21.79 3.83
C GLY D 81 40.20 -22.65 4.23
N GLY D 82 39.06 -22.07 4.55
CA GLY D 82 37.90 -22.87 4.91
C GLY D 82 36.82 -22.10 5.61
N LEU D 83 35.69 -22.80 5.79
CA LEU D 83 34.53 -22.28 6.49
C LEU D 83 33.80 -23.47 7.09
N ASP D 84 33.44 -23.36 8.36
CA ASP D 84 32.79 -24.45 9.07
C ASP D 84 31.33 -24.63 8.65
N SER D 85 30.84 -25.83 8.89
CA SER D 85 29.45 -26.15 8.66
C SER D 85 28.58 -25.46 9.71
N GLU D 86 27.32 -25.21 9.33
CA GLU D 86 26.33 -24.69 10.26
C GLU D 86 26.19 -25.58 11.47
N GLU D 87 26.16 -26.90 11.26
CA GLU D 87 25.96 -27.83 12.38
C GLU D 87 27.08 -27.70 13.41
N SER D 88 28.33 -27.52 12.97
CA SER D 88 29.47 -27.47 13.88
C SER D 88 29.64 -26.12 14.55
N TYR D 89 29.09 -25.07 13.97
CA TYR D 89 29.33 -23.69 14.41
C TYR D 89 28.02 -22.95 14.27
N PRO D 90 27.06 -23.25 15.15
CA PRO D 90 25.70 -22.78 14.94
C PRO D 90 25.54 -21.29 15.23
N TYR D 91 24.42 -20.75 14.75
CA TYR D 91 24.19 -19.31 14.76
C TYR D 91 23.64 -18.84 16.10
N GLU D 92 24.23 -17.75 16.62
CA GLU D 92 23.88 -17.20 17.93
C GLU D 92 23.35 -15.77 17.88
N ALA D 93 23.38 -15.11 16.72
CA ALA D 93 22.77 -13.79 16.52
C ALA D 93 23.44 -12.69 17.33
N THR D 94 24.71 -12.86 17.67
CA THR D 94 25.48 -11.84 18.37
C THR D 94 26.95 -12.16 18.11
N GLU D 95 27.78 -11.12 18.09
CA GLU D 95 29.19 -11.31 17.75
C GLU D 95 29.98 -11.79 18.95
N GLU D 96 30.80 -12.82 18.73
CA GLU D 96 31.67 -13.38 19.75
C GLU D 96 33.06 -13.57 19.13
N SER D 97 33.99 -14.10 19.92
CA SER D 97 35.32 -14.35 19.37
C SER D 97 35.28 -15.54 18.42
N CYS D 98 36.28 -15.59 17.55
N CYS D 98 36.32 -15.62 17.58
CA CYS D 98 36.33 -16.60 16.49
CA CYS D 98 36.40 -16.62 16.54
C CYS D 98 36.61 -17.97 17.08
C CYS D 98 36.65 -18.01 17.12
N LYS D 99 35.78 -18.95 16.68
N LYS D 99 35.82 -18.97 16.72
CA LYS D 99 35.91 -20.34 17.12
CA LYS D 99 35.95 -20.36 17.14
C LYS D 99 36.10 -21.29 15.94
C LYS D 99 36.10 -21.29 15.94
N TYR D 100 36.64 -20.78 14.83
CA TYR D 100 36.83 -21.61 13.64
C TYR D 100 37.66 -22.84 13.97
N ASN D 101 37.21 -24.00 13.48
CA ASN D 101 37.93 -25.26 13.68
C ASN D 101 38.11 -25.89 12.30
N PRO D 102 39.34 -26.12 11.84
CA PRO D 102 39.50 -26.66 10.48
C PRO D 102 38.98 -28.08 10.35
N LYS D 103 38.83 -28.79 11.47
CA LYS D 103 38.29 -30.15 11.44
C LYS D 103 36.91 -30.17 10.80
N TYR D 104 36.12 -29.12 11.00
CA TYR D 104 34.74 -29.06 10.55
C TYR D 104 34.55 -28.15 9.34
N SER D 105 35.63 -27.78 8.67
CA SER D 105 35.52 -27.00 7.45
C SER D 105 34.94 -27.87 6.35
N VAL D 106 33.95 -27.32 5.65
CA VAL D 106 33.26 -28.02 4.57
C VAL D 106 33.22 -27.22 3.28
N ALA D 107 33.80 -26.02 3.24
CA ALA D 107 33.75 -25.18 2.06
C ALA D 107 35.05 -24.40 1.93
N ASN D 108 35.32 -23.98 0.71
N ASN D 108 35.36 -24.00 0.71
CA ASN D 108 36.50 -23.20 0.37
CA ASN D 108 36.50 -23.13 0.45
C ASN D 108 36.15 -22.31 -0.80
C ASN D 108 36.18 -22.32 -0.80
N ASP D 109 36.94 -21.25 -1.00
CA ASP D 109 36.84 -20.49 -2.23
C ASP D 109 38.19 -19.84 -2.53
N ALA D 110 38.34 -19.47 -3.79
CA ALA D 110 39.55 -18.87 -4.31
C ALA D 110 39.33 -17.44 -4.77
N GLY D 111 38.45 -16.73 -4.08
CA GLY D 111 38.12 -15.36 -4.44
C GLY D 111 36.68 -15.25 -4.89
N PHE D 112 36.40 -14.22 -5.68
CA PHE D 112 35.02 -13.91 -6.02
C PHE D 112 35.00 -13.13 -7.32
N VAL D 113 33.82 -13.07 -7.92
CA VAL D 113 33.57 -12.36 -9.16
C VAL D 113 32.47 -11.35 -8.89
N ASP D 114 32.74 -10.09 -9.22
CA ASP D 114 31.76 -9.02 -9.16
C ASP D 114 31.10 -8.87 -10.53
N ILE D 115 29.77 -8.91 -10.56
CA ILE D 115 29.01 -8.87 -11.79
C ILE D 115 28.83 -7.42 -12.25
N PRO D 116 28.91 -7.15 -13.56
CA PRO D 116 28.60 -5.79 -14.04
C PRO D 116 27.25 -5.32 -13.54
N LYS D 117 27.13 -4.02 -13.36
CA LYS D 117 26.01 -3.44 -12.60
C LYS D 117 24.80 -3.18 -13.50
N GLN D 118 24.29 -4.26 -14.08
CA GLN D 118 23.03 -4.17 -14.80
C GLN D 118 22.37 -5.54 -14.85
N GLU D 119 21.08 -5.50 -15.11
CA GLU D 119 20.24 -6.68 -14.91
C GLU D 119 20.42 -7.73 -15.98
N LYS D 120 20.85 -7.37 -17.19
CA LYS D 120 21.14 -8.41 -18.17
C LYS D 120 22.32 -9.24 -17.74
N ALA D 121 23.36 -8.58 -17.18
CA ALA D 121 24.50 -9.32 -16.68
C ALA D 121 24.13 -10.15 -15.47
N LEU D 122 23.30 -9.61 -14.58
CA LEU D 122 22.87 -10.40 -13.44
C LEU D 122 22.10 -11.63 -13.89
N MET D 123 21.22 -11.48 -14.89
CA MET D 123 20.46 -12.63 -15.35
C MET D 123 21.39 -13.70 -15.93
N LYS D 124 22.35 -13.29 -16.76
N LYS D 124 22.35 -13.29 -16.76
CA LYS D 124 23.30 -14.25 -17.30
CA LYS D 124 23.30 -14.25 -17.30
C LYS D 124 24.05 -14.98 -16.19
C LYS D 124 24.03 -14.99 -16.19
N ALA D 125 24.44 -14.27 -15.13
CA ALA D 125 25.14 -14.92 -14.04
C ALA D 125 24.23 -15.90 -13.31
N VAL D 126 23.00 -15.50 -13.02
CA VAL D 126 22.08 -16.42 -12.35
C VAL D 126 21.88 -17.66 -13.20
N ALA D 127 21.74 -17.48 -14.52
CA ALA D 127 21.47 -18.65 -15.37
C ALA D 127 22.67 -19.57 -15.50
N THR D 128 23.89 -19.01 -15.47
CA THR D 128 25.07 -19.80 -15.80
C THR D 128 25.90 -20.23 -14.59
N VAL D 129 25.73 -19.60 -13.46
CA VAL D 129 26.59 -19.80 -12.29
C VAL D 129 25.84 -20.51 -11.17
N GLY D 130 24.65 -20.03 -10.82
CA GLY D 130 23.96 -20.46 -9.63
C GLY D 130 23.44 -19.26 -8.86
N PRO D 131 23.01 -19.50 -7.62
CA PRO D 131 22.55 -18.38 -6.79
C PRO D 131 23.62 -17.31 -6.63
N ILE D 132 23.18 -16.05 -6.65
CA ILE D 132 24.06 -14.87 -6.65
C ILE D 132 23.77 -14.00 -5.43
N SER D 133 24.84 -13.59 -4.73
CA SER D 133 24.70 -12.65 -3.62
C SER D 133 24.43 -11.26 -4.17
N VAL D 134 23.44 -10.56 -3.60
CA VAL D 134 23.09 -9.22 -4.02
C VAL D 134 22.77 -8.36 -2.81
N ALA D 135 22.92 -7.05 -2.96
CA ALA D 135 22.44 -6.08 -2.00
C ALA D 135 21.24 -5.33 -2.56
N ILE D 136 20.28 -5.04 -1.69
CA ILE D 136 19.07 -4.34 -2.10
C ILE D 136 18.73 -3.26 -1.09
N ASP D 137 17.92 -2.30 -1.56
CA ASP D 137 17.23 -1.34 -0.69
C ASP D 137 15.99 -2.01 -0.13
N ALA D 138 16.08 -2.47 1.12
CA ALA D 138 14.97 -3.11 1.83
C ALA D 138 14.35 -2.19 2.86
N GLY D 139 14.72 -0.91 2.87
CA GLY D 139 14.40 -0.01 3.97
C GLY D 139 13.05 0.65 3.85
N HIS D 140 12.01 -0.14 3.62
CA HIS D 140 10.65 0.37 3.50
C HIS D 140 9.71 -0.59 4.20
N GLU D 141 8.70 -0.04 4.85
CA GLU D 141 7.64 -0.83 5.46
C GLU D 141 7.02 -1.83 4.50
N SER D 142 6.91 -1.47 3.22
CA SER D 142 6.34 -2.39 2.23
C SER D 142 7.14 -3.67 2.16
N PHE D 143 8.45 -3.60 2.38
CA PHE D 143 9.27 -4.80 2.34
C PHE D 143 9.07 -5.61 3.61
N LEU D 144 8.96 -4.96 4.75
CA LEU D 144 8.69 -5.67 5.98
C LEU D 144 7.40 -6.47 5.89
N PHE D 145 6.37 -5.88 5.27
CA PHE D 145 5.01 -6.43 5.28
C PHE D 145 4.70 -7.25 4.04
N TYR D 146 5.68 -7.45 3.15
CA TYR D 146 5.46 -8.16 1.91
C TYR D 146 4.89 -9.56 2.13
N LYS D 147 3.85 -9.92 1.37
CA LYS D 147 3.16 -11.20 1.48
C LYS D 147 3.31 -12.08 0.24
N GLU D 148 3.11 -11.50 -0.95
N GLU D 148 3.06 -11.52 -0.95
CA GLU D 148 3.09 -12.28 -2.19
CA GLU D 148 3.07 -12.29 -2.18
C GLU D 148 3.21 -11.31 -3.35
C GLU D 148 3.19 -11.31 -3.35
N GLY D 149 3.40 -11.86 -4.54
CA GLY D 149 3.42 -11.04 -5.73
C GLY D 149 4.80 -10.45 -6.01
N ILE D 150 4.84 -9.56 -6.98
CA ILE D 150 6.10 -8.96 -7.41
C ILE D 150 6.26 -7.61 -6.68
N TYR D 151 7.30 -7.53 -5.87
CA TYR D 151 7.56 -6.36 -5.04
C TYR D 151 8.05 -5.23 -5.90
N PHE D 152 7.38 -4.08 -5.83
CA PHE D 152 7.78 -2.86 -6.50
C PHE D 152 7.48 -1.73 -5.52
N GLU D 153 8.51 -0.97 -5.16
CA GLU D 153 8.37 0.10 -4.18
C GLU D 153 8.74 1.41 -4.87
N PRO D 154 7.82 2.37 -5.01
CA PRO D 154 8.16 3.61 -5.72
C PRO D 154 9.40 4.31 -5.18
N ASP D 155 9.62 4.28 -3.87
CA ASP D 155 10.74 4.99 -3.25
C ASP D 155 12.02 4.14 -3.18
N CYS D 156 12.08 3.01 -3.87
CA CYS D 156 13.28 2.18 -3.83
C CYS D 156 14.44 2.87 -4.55
N SER D 157 15.62 2.75 -3.96
CA SER D 157 16.84 3.31 -4.52
C SER D 157 17.70 2.25 -5.18
N SER D 158 18.35 2.63 -6.29
N SER D 158 18.34 2.63 -6.28
CA SER D 158 19.29 1.75 -6.95
CA SER D 158 19.29 1.77 -6.98
C SER D 158 20.72 1.96 -6.48
C SER D 158 20.72 1.98 -6.50
N GLU D 159 20.94 2.92 -5.58
CA GLU D 159 22.26 3.27 -5.10
C GLU D 159 22.45 3.04 -3.62
N ASP D 160 21.38 3.06 -2.83
CA ASP D 160 21.47 3.10 -1.38
C ASP D 160 20.93 1.80 -0.81
N MET D 161 21.66 0.71 -1.07
CA MET D 161 21.23 -0.59 -0.61
C MET D 161 21.65 -0.79 0.85
N ASP D 162 20.83 -1.54 1.59
CA ASP D 162 21.06 -1.69 3.03
C ASP D 162 20.91 -3.14 3.49
N HIS D 163 20.71 -4.09 2.59
CA HIS D 163 20.38 -5.45 3.00
C HIS D 163 20.86 -6.45 1.97
N GLY D 164 21.54 -7.50 2.43
CA GLY D 164 22.10 -8.51 1.55
C GLY D 164 21.17 -9.71 1.52
N VAL D 165 20.93 -10.22 0.31
CA VAL D 165 20.03 -11.35 0.07
C VAL D 165 20.61 -12.23 -1.04
N LEU D 166 19.86 -13.21 -1.51
CA LEU D 166 20.37 -14.19 -2.46
C LEU D 166 19.37 -14.36 -3.58
N VAL D 167 19.81 -14.13 -4.80
CA VAL D 167 18.97 -14.40 -5.98
C VAL D 167 19.14 -15.85 -6.35
N VAL D 168 18.04 -16.60 -6.30
CA VAL D 168 18.06 -18.02 -6.63
C VAL D 168 17.38 -18.32 -7.95
N GLY D 169 16.88 -17.32 -8.66
CA GLY D 169 16.25 -17.55 -9.93
C GLY D 169 15.53 -16.29 -10.37
N TYR D 170 14.67 -16.49 -11.37
CA TYR D 170 13.89 -15.41 -11.93
C TYR D 170 12.82 -16.01 -12.81
N GLY D 171 11.86 -15.19 -13.20
CA GLY D 171 10.84 -15.64 -14.11
C GLY D 171 9.82 -14.57 -14.39
N PHE D 172 8.60 -14.99 -14.69
CA PHE D 172 7.54 -14.03 -15.02
C PHE D 172 6.19 -14.59 -14.57
N GLU D 173 5.28 -13.68 -14.24
CA GLU D 173 3.89 -13.98 -13.99
C GLU D 173 3.05 -13.48 -15.16
N SER D 174 1.83 -13.99 -15.24
N SER D 174 1.80 -13.94 -15.23
CA SER D 174 0.89 -13.58 -16.30
CA SER D 174 0.88 -13.55 -16.29
C SER D 174 1.43 -14.00 -17.65
C SER D 174 1.42 -14.00 -17.65
N THR D 175 0.86 -13.46 -18.73
CA THR D 175 1.35 -13.77 -20.06
C THR D 175 2.72 -13.12 -20.28
N GLU D 176 3.59 -13.83 -20.99
CA GLU D 176 4.95 -13.35 -21.20
C GLU D 176 4.99 -11.94 -21.78
N SER D 177 4.05 -11.62 -22.68
CA SER D 177 4.07 -10.34 -23.35
C SER D 177 3.82 -9.16 -22.42
N ASP D 178 3.27 -9.41 -21.22
CA ASP D 178 3.07 -8.34 -20.26
C ASP D 178 4.37 -7.87 -19.61
N ASN D 179 5.46 -8.62 -19.76
CA ASN D 179 6.74 -8.25 -19.14
C ASN D 179 6.61 -8.08 -17.64
N ASN D 180 5.83 -8.95 -17.00
CA ASN D 180 5.62 -8.98 -15.57
C ASN D 180 6.67 -9.89 -14.96
N LYS D 181 7.89 -9.38 -14.87
CA LYS D 181 9.06 -10.19 -14.59
C LYS D 181 9.56 -9.97 -13.17
N TYR D 182 10.24 -10.99 -12.63
CA TYR D 182 10.73 -10.90 -11.26
C TYR D 182 12.02 -11.67 -11.08
N TRP D 183 12.76 -11.26 -10.05
CA TRP D 183 13.86 -12.00 -9.47
C TRP D 183 13.31 -12.80 -8.28
N LEU D 184 13.72 -14.06 -8.18
CA LEU D 184 13.33 -14.90 -7.06
C LEU D 184 14.43 -14.80 -6.00
N VAL D 185 14.08 -14.27 -4.83
CA VAL D 185 15.05 -13.84 -3.83
C VAL D 185 14.79 -14.54 -2.50
N LYS D 186 15.83 -15.17 -1.97
CA LYS D 186 15.81 -15.80 -0.67
C LYS D 186 16.26 -14.78 0.36
N ASN D 187 15.44 -14.55 1.38
CA ASN D 187 15.77 -13.67 2.49
C ASN D 187 16.22 -14.50 3.70
N SER D 188 16.67 -13.83 4.74
CA SER D 188 17.15 -14.45 5.96
C SER D 188 16.40 -13.92 7.18
N TRP D 189 15.08 -13.76 7.03
CA TRP D 189 14.22 -13.30 8.12
C TRP D 189 13.22 -14.36 8.54
N GLY D 190 13.55 -15.64 8.28
CA GLY D 190 12.68 -16.73 8.65
C GLY D 190 11.60 -16.98 7.61
N GLU D 191 10.95 -18.15 7.73
CA GLU D 191 9.94 -18.55 6.75
C GLU D 191 8.60 -17.85 6.96
N GLU D 192 8.38 -17.19 8.10
CA GLU D 192 7.14 -16.46 8.35
C GLU D 192 7.09 -15.11 7.64
N TRP D 193 8.24 -14.59 7.22
CA TRP D 193 8.29 -13.38 6.41
C TRP D 193 8.01 -13.73 4.95
N GLY D 194 7.31 -12.84 4.25
CA GLY D 194 7.18 -13.01 2.82
C GLY D 194 6.49 -14.30 2.45
N MET D 195 6.93 -14.88 1.32
N MET D 195 6.95 -14.89 1.34
CA MET D 195 6.37 -16.11 0.78
CA MET D 195 6.36 -16.11 0.78
C MET D 195 7.29 -17.24 1.23
C MET D 195 7.27 -17.26 1.21
N GLY D 196 7.01 -17.79 2.41
CA GLY D 196 7.90 -18.79 2.96
C GLY D 196 9.33 -18.32 3.10
N GLY D 197 9.54 -17.02 3.33
CA GLY D 197 10.89 -16.50 3.44
C GLY D 197 11.48 -15.97 2.16
N TYR D 198 10.76 -16.07 1.04
CA TYR D 198 11.19 -15.61 -0.27
C TYR D 198 10.38 -14.36 -0.68
N VAL D 199 10.94 -13.62 -1.62
CA VAL D 199 10.27 -12.48 -2.23
C VAL D 199 10.56 -12.50 -3.72
N LYS D 200 9.56 -12.16 -4.52
CA LYS D 200 9.73 -11.90 -5.94
C LYS D 200 9.93 -10.39 -6.09
N MET D 201 11.05 -9.99 -6.67
N MET D 201 11.09 -9.99 -6.62
CA MET D 201 11.39 -8.58 -6.76
CA MET D 201 11.47 -8.60 -6.76
C MET D 201 11.42 -8.11 -8.20
C MET D 201 11.34 -8.14 -8.21
N ALA D 202 10.88 -6.91 -8.41
CA ALA D 202 10.75 -6.33 -9.73
C ALA D 202 12.02 -6.47 -10.56
N LYS D 203 11.85 -7.01 -11.77
CA LYS D 203 12.93 -7.27 -12.70
C LYS D 203 12.79 -6.47 -13.99
N ASP D 204 13.92 -5.98 -14.48
CA ASP D 204 13.99 -5.24 -15.75
C ASP D 204 13.23 -3.92 -15.72
N ARG D 205 13.31 -3.26 -14.55
CA ARG D 205 12.79 -1.92 -14.36
C ARG D 205 13.94 -1.03 -13.93
N ARG D 206 15.03 -1.06 -14.70
CA ARG D 206 16.20 -0.21 -14.47
C ARG D 206 16.75 -0.40 -13.05
N ASN D 207 17.00 -1.65 -12.68
CA ASN D 207 17.74 -1.98 -11.47
C ASN D 207 16.98 -1.55 -10.22
N HIS D 208 15.71 -1.97 -10.15
CA HIS D 208 14.85 -1.59 -9.05
C HIS D 208 15.41 -2.09 -7.72
N CYS D 209 15.46 -1.21 -6.75
CA CYS D 209 16.01 -1.47 -5.43
C CYS D 209 17.49 -1.81 -5.45
N GLY D 210 18.18 -1.58 -6.56
CA GLY D 210 19.62 -1.81 -6.59
C GLY D 210 20.10 -3.24 -6.68
N ILE D 211 19.22 -4.15 -7.11
CA ILE D 211 19.52 -5.57 -7.03
C ILE D 211 20.74 -5.95 -7.86
N ALA D 212 21.03 -5.22 -8.94
CA ALA D 212 22.22 -5.46 -9.76
C ALA D 212 23.41 -4.56 -9.41
N SER D 213 23.32 -3.74 -8.36
CA SER D 213 24.36 -2.76 -8.06
C SER D 213 25.55 -3.37 -7.33
N ALA D 214 25.37 -4.46 -6.61
CA ALA D 214 26.46 -5.07 -5.83
C ALA D 214 26.30 -6.59 -5.77
N ALA D 215 26.29 -7.20 -6.94
CA ALA D 215 26.06 -8.62 -7.11
C ALA D 215 27.39 -9.33 -7.32
N SER D 216 27.53 -10.50 -6.69
CA SER D 216 28.78 -11.24 -6.77
C SER D 216 28.56 -12.69 -6.38
N TYR D 217 29.57 -13.51 -6.65
CA TYR D 217 29.57 -14.90 -6.23
C TYR D 217 31.00 -15.35 -5.98
N PRO D 218 31.19 -16.40 -5.17
CA PRO D 218 32.54 -16.89 -4.90
C PRO D 218 33.01 -17.84 -5.98
N THR D 219 34.33 -17.83 -6.19
CA THR D 219 35.00 -18.73 -7.12
C THR D 219 35.44 -19.96 -6.36
N VAL D 220 34.94 -21.13 -6.74
CA VAL D 220 35.29 -22.36 -6.04
C VAL D 220 36.12 -23.26 -6.92
N1 L2F E . -25.39 -21.30 -8.71
C4 L2F E . -24.79 -16.45 -8.69
C5 L2F E . -23.60 -17.56 -6.84
C6 L2F E . -23.10 -19.01 -6.93
C7 L2F E . -23.88 -19.85 -7.89
C8 L2F E . -24.95 -20.67 -7.58
C10 L2F E . -24.68 -21.26 -11.12
C13 L2F E . -22.78 -19.42 -10.21
C15 L2F E . -22.70 -16.74 -5.92
C17 L2F E . -27.00 -19.06 -11.69
C20 L2F E . -29.67 -18.62 -11.01
C21 L2F E . -31.02 -18.39 -10.66
C22 L2F E . -31.56 -17.14 -10.76
C24 L2F E . -29.48 -16.24 -11.54
C26 L2F E . -23.65 -14.15 -11.61
N L2F E . -23.66 -16.94 -8.16
C L2F E . -24.04 -12.12 -9.62
O L2F E . -25.85 -16.39 -8.08
C1 L2F E . -24.54 -13.52 -9.33
C11 L2F E . -23.78 -20.68 -12.00
C12 L2F E . -22.84 -19.77 -11.54
C14 L2F E . -23.67 -19.99 -9.30
C16 L2F E . -27.50 -17.79 -11.76
C18 L2F E . -27.79 -20.11 -11.27
C19 L2F E . -29.09 -19.91 -10.93
C2 L2F E . -23.87 -14.61 -10.16
C23 L2F E . -30.80 -16.07 -11.20
C25 L2F E . -28.88 -17.53 -11.45
C3 L2F E . -24.67 -15.92 -10.13
C9 L2F E . -24.62 -20.90 -9.78
N2 L2F E . -25.98 -15.76 -10.75
O1 L2F E . -22.65 -17.29 -4.63
O2 L2F E . -27.06 -15.52 -12.94
O3 L2F E . -25.16 -17.08 -12.65
S L2F E . -26.36 -16.48 -12.15
HN1 L2F E . -26.16 -21.96 -8.76
H2 L2F E . -24.62 -17.57 -6.45
H9 L2F E . -23.11 -19.48 -5.95
H10 L2F E . -22.05 -19.02 -7.24
H11 L2F E . -25.40 -20.84 -6.61
H12 L2F E . -25.43 -21.98 -11.47
H15 L2F E . -22.02 -18.70 -9.85
H16 L2F E . -21.70 -16.64 -6.34
H20 L2F E . -25.96 -19.27 -11.96
H23 L2F E . -31.63 -19.22 -10.32
H24 L2F E . -32.60 -16.97 -10.49
H26 L2F E . -28.92 -15.37 -11.88
H28 L2F E . -22.80 -13.46 -11.71
H29 L2F E . -24.51 -13.61 -12.01
H27 L2F E . -23.45 -14.97 -12.29
H8 L2F E . -22.79 -16.93 -8.66
H4 L2F E . -24.46 -11.37 -8.97
H5 L2F E . -24.27 -11.79 -10.64
H3 L2F E . -22.96 -12.02 -9.53
H6 L2F E . -25.62 -13.53 -9.46
H7 L2F E . -24.42 -13.71 -8.26
H13 L2F E . -23.81 -20.95 -13.05
H14 L2F E . -22.13 -19.33 -12.25
H21 L2F E . -27.36 -21.11 -11.23
H22 L2F E . -29.71 -20.74 -10.60
H L2F E . -22.89 -14.79 -9.73
H25 L2F E . -31.25 -15.08 -11.28
H1 L2F E . -24.12 -16.65 -10.72
H19 L2F E . -26.59 -15.15 -10.20
H18 L2F E . -23.43 -17.91 -4.52
C1 PEG F . -37.44 -25.52 2.62
O1 PEG F . -36.59 -24.72 1.80
C2 PEG F . -37.24 -25.24 4.08
O2 PEG F . -38.45 -25.44 4.79
C3 PEG F . -38.93 -24.28 5.44
C4 PEG F . -37.97 -23.86 6.53
O4 PEG F . -38.63 -23.16 7.58
H11 PEG F . -38.48 -25.34 2.35
H12 PEG F . -37.25 -26.57 2.43
HO1 PEG F . -36.93 -23.79 1.83
H21 PEG F . -36.44 -25.88 4.47
H22 PEG F . -36.89 -24.21 4.21
H31 PEG F . -39.06 -23.48 4.72
H32 PEG F . -39.91 -24.47 5.86
H41 PEG F . -37.46 -24.69 7.01
H42 PEG F . -37.20 -23.17 6.19
HO4 PEG F . -39.23 -22.50 7.16
C1 EDO G . 3.38 -7.31 -3.16
O1 EDO G . 1.97 -7.30 -3.37
C2 EDO G . 3.74 -6.46 -1.96
O2 EDO G . 4.81 -5.62 -2.38
H11 EDO G . 3.72 -8.33 -3.00
H12 EDO G . 3.89 -6.92 -4.05
HO1 EDO G . 1.75 -6.70 -4.10
H21 EDO G . 2.88 -5.87 -1.63
H22 EDO G . 4.04 -7.09 -1.12
HO2 EDO G . 5.53 -6.15 -2.72
S DMS H . -45.31 -16.21 2.71
O DMS H . -44.56 -17.28 3.44
C1 DMS H . -46.51 -15.43 3.80
C2 DMS H . -44.23 -14.78 2.47
H11 DMS H . -47.45 -15.93 3.72
H12 DMS H . -46.64 -14.42 3.54
H13 DMS H . -46.18 -15.50 4.81
H21 DMS H . -43.34 -15.08 1.99
H22 DMS H . -43.99 -14.36 3.42
H23 DMS H . -44.72 -14.06 1.88
S DMS I . -43.91 -10.87 -7.10
O DMS I . -44.89 -11.86 -7.64
C1 DMS I . -42.40 -10.88 -8.11
C2 DMS I . -44.46 -9.18 -7.42
H11 DMS I . -42.05 -9.90 -8.26
H12 DMS I . -42.61 -11.32 -9.05
H13 DMS I . -41.65 -11.46 -7.62
H21 DMS I . -44.09 -8.53 -6.69
H22 DMS I . -45.53 -9.15 -7.40
H23 DMS I . -44.12 -8.86 -8.38
N1 L2F J . -9.43 17.62 -22.95
C4 L2F J . -5.74 16.55 -19.88
C5 L2F J . -5.54 18.79 -20.95
C6 L2F J . -6.81 19.59 -21.25
C7 L2F J . -7.99 18.77 -21.68
C8 L2F J . -8.24 18.31 -22.94
C10 L2F J . -11.14 17.06 -21.20
C13 L2F J . -9.40 18.48 -19.51
C15 L2F J . -4.38 19.72 -20.67
C17 L2F J . -9.50 14.07 -20.63
C20 L2F J . -8.58 12.05 -22.34
C21 L2F J . -8.10 11.04 -23.20
C22 L2F J . -7.08 10.22 -22.81
C24 L2F J . -6.95 11.31 -20.68
C26 L2F J . -5.87 15.51 -16.14
N L2F J . -5.76 17.89 -19.80
C L2F J . -2.96 15.57 -16.47
O L2F J . -5.35 15.94 -20.87
C1 L2F J . -3.87 15.51 -17.69
C11 L2F J . -11.42 17.22 -19.85
C12 L2F J . -10.56 17.92 -19.01
C14 L2F J . -9.08 18.34 -20.86
C16 L2F J . -8.48 13.25 -20.22
C18 L2F J . -10.08 13.89 -21.88
C19 L2F J . -9.63 12.92 -22.73
C2 L2F J . -5.26 16.07 -17.44
C23 L2F J . -6.51 10.34 -21.55
C25 L2F J . -7.99 12.20 -21.05
C3 L2F J . -6.21 15.81 -18.64
C9 L2F J . -9.96 17.63 -21.69
N2 L2F J . -6.36 14.38 -18.89
O1 L2F J . -4.07 20.51 -21.82
O2 L2F J . -7.47 12.37 -17.99
O3 L2F J . -8.62 14.56 -17.97
S L2F J . -7.77 13.62 -18.63
HN1 L2F J . -9.85 17.18 -23.76
H2 L2F J . -5.32 18.13 -21.78
H9 L2F J . -6.60 20.34 -22.02
H10 L2F J . -7.10 20.17 -20.37
H11 L2F J . -7.64 18.44 -23.83
H12 L2F J . -11.80 16.51 -21.86
H15 L2F J . -8.72 19.02 -18.85
H16 L2F J . -4.55 20.34 -19.80
H20 L2F J . -9.89 14.87 -19.99
H23 L2F J . -8.54 10.93 -24.19
H24 L2F J . -6.71 9.45 -23.48
H26 L2F J . -6.48 11.37 -19.71
H28 L2F J . -5.31 15.82 -15.26
H29 L2F J . -5.91 14.43 -16.12
H27 L2F J . -6.90 15.86 -15.98
H8 L2F J . -5.94 18.37 -18.93
H4 L2F J . -1.92 15.35 -16.70
H5 L2F J . -3.24 14.86 -15.69
H3 L2F J . -2.96 16.55 -16.00
H6 L2F J . -3.92 14.46 -18.03
H7 L2F J . -3.38 16.02 -18.52
H13 L2F J . -12.33 16.78 -19.45
H14 L2F J . -10.80 18.01 -17.96
H21 L2F J . -10.88 14.55 -22.19
H22 L2F J . -10.08 12.80 -23.70
H L2F J . -5.16 17.14 -17.33
H25 L2F J . -5.72 9.67 -21.25
H1 L2F J . -7.19 16.19 -18.36
H19 L2F J . -5.51 13.95 -19.23
H18 L2F J . -3.88 19.91 -22.57
O1 PG4 K . -7.65 24.10 -17.80
C1 PG4 K . -8.64 23.63 -18.72
C2 PG4 K . -8.20 22.39 -19.41
O2 PG4 K . -8.79 22.33 -20.71
C3 PG4 K . -8.02 23.01 -21.70
C4 PG4 K . -8.35 22.54 -23.07
O3 PG4 K . -7.90 23.49 -24.04
C5 PG4 K . -6.50 23.49 -24.23
C6 PG4 K . -6.05 24.89 -24.55
O4 PG4 K . -4.85 25.18 -23.84
C7 PG4 K . -4.63 26.57 -23.65
C8 PG4 K . -4.80 26.93 -22.19
O5 PG4 K . -4.75 28.32 -21.98
HO1 PG4 K . -7.15 23.31 -17.48
H11 PG4 K . -9.57 23.45 -18.18
H12 PG4 K . -8.85 24.42 -19.45
H21 PG4 K . -7.12 22.37 -19.48
H22 PG4 K . -8.48 21.52 -18.82
H31 PG4 K . -8.19 24.08 -21.61
H32 PG4 K . -6.95 22.85 -21.50
H41 PG4 K . -7.90 21.56 -23.24
H42 PG4 K . -9.43 22.38 -23.14
H51 PG4 K . -6.01 23.12 -23.33
H52 PG4 K . -6.24 22.82 -25.03
H61 PG4 K . -5.90 24.99 -25.62
H62 PG4 K . -6.83 25.60 -24.27
H71 PG4 K . -3.63 26.83 -24.00
H72 PG4 K . -5.32 27.13 -24.27
H81 PG4 K . -5.75 26.60 -21.78
H82 PG4 K . -4.03 26.51 -21.55
HO5 PG4 K . -4.03 28.50 -21.33
C1 EDO L . 19.30 12.77 -7.56
O1 EDO L . 19.68 11.57 -8.22
C2 EDO L . 18.31 13.51 -8.46
O2 EDO L . 18.23 12.85 -9.71
H11 EDO L . 18.83 12.53 -6.59
H12 EDO L . 20.18 13.38 -7.37
HO1 EDO L . 19.83 11.75 -9.16
H21 EDO L . 17.34 13.54 -7.98
H22 EDO L . 18.65 14.54 -8.60
HO2 EDO L . 17.57 13.28 -10.27
S DMS M . 15.15 6.72 -5.55
O DMS M . 15.59 6.74 -6.98
C1 DMS M . 15.42 8.36 -4.86
C2 DMS M . 13.34 6.67 -5.53
H11 DMS M . 15.07 9.10 -5.54
H12 DMS M . 16.46 8.51 -4.69
H13 DMS M . 14.91 8.45 -3.93
H21 DMS M . 12.97 6.46 -6.50
H22 DMS M . 12.96 7.61 -5.20
H23 DMS M . 13.01 5.92 -4.86
S DMS N . 1.15 -0.55 -28.39
O DMS N . 0.37 -0.80 -29.65
C1 DMS N . 0.00 -0.37 -27.01
C2 DMS N . 2.07 -2.04 -27.92
H11 DMS N . -0.49 -1.30 -26.83
H12 DMS N . -0.73 0.36 -27.23
H13 DMS N . 0.53 -0.09 -26.13
H21 DMS N . 3.10 -1.84 -27.92
H22 DMS N . 1.86 -2.82 -28.61
H23 DMS N . 1.77 -2.34 -26.95
S DMS O . 16.14 2.83 -32.00
O DMS O . 16.10 4.21 -31.40
C1 DMS O . 17.85 2.33 -32.30
C2 DMS O . 15.61 1.63 -30.75
H11 DMS O . 18.49 3.15 -32.09
H12 DMS O . 17.97 2.04 -33.31
H13 DMS O . 18.09 1.52 -31.67
H21 DMS O . 15.63 2.09 -29.80
H22 DMS O . 16.27 0.80 -30.75
H23 DMS O . 14.62 1.29 -30.97
NA NA P . -5.22 9.69 -32.06
N1 L2F Q . 9.77 6.65 21.15
C4 L2F Q . 5.27 5.29 22.47
C5 L2F Q . 5.69 4.92 20.05
C6 L2F Q . 7.11 4.66 19.53
C7 L2F Q . 8.19 5.25 20.37
C8 L2F Q . 8.79 6.46 20.20
C10 L2F Q . 10.62 5.25 23.05
C13 L2F Q . 8.67 3.43 22.18
C15 L2F Q . 4.64 4.25 19.19
C17 L2F Q . 8.60 6.88 25.12
C20 L2F Q . 7.80 9.50 25.65
C21 L2F Q . 7.38 10.83 25.92
C22 L2F Q . 6.18 11.07 26.53
C24 L2F Q . 5.73 8.73 26.68
C26 L2F Q . 4.30 2.76 25.25
N L2F Q . 5.56 4.48 21.44
C L2F Q . 1.56 3.47 24.32
O L2F Q . 5.01 6.49 22.34
C1 L2F Q . 2.75 4.38 24.06
C11 L2F Q . 10.45 4.04 23.70
C12 L2F Q . 9.48 3.14 23.27
C14 L2F Q . 8.83 4.64 21.51
C16 L2F Q . 7.40 7.10 25.73
C18 L2F Q . 9.42 7.94 24.77
C19 L2F Q . 9.04 9.23 25.01
C2 L2F Q . 4.10 3.65 24.01
C23 L2F Q . 5.37 10.02 26.92
C25 L2F Q . 6.95 8.43 26.03
C3 L2F Q . 5.27 4.64 23.86
C9 L2F Q . 9.81 5.54 21.96
N2 L2F Q . 5.25 5.64 24.92
O1 L2F Q . 4.66 4.74 17.86
O2 L2F Q . 5.73 5.87 27.31
O3 L2F Q . 7.21 4.52 25.88
S L2F Q . 6.40 5.68 26.06
HN1 L2F Q . 10.37 7.46 21.24
H2 L2F Q . 5.52 6.00 20.07
H9 L2F Q . 7.21 5.04 18.52
H10 L2F Q . 7.27 3.59 19.45
H11 L2F Q . 8.58 7.22 19.44
H12 L2F Q . 11.38 5.96 23.39
H15 L2F Q . 7.92 2.72 21.85
H16 L2F Q . 4.76 3.16 19.20
H20 L2F Q . 8.96 5.87 24.90
H23 L2F Q . 8.02 11.66 25.62
H24 L2F Q . 5.87 12.09 26.73
H26 L2F Q . 5.05 7.94 27.00
H28 L2F Q . 5.01 1.95 25.06
H29 L2F Q . 3.38 2.30 25.59
H27 L2F Q . 4.69 3.32 26.10
H8 L2F Q . 5.72 3.49 21.58
H4 L2F Q . 0.61 3.96 24.16
H5 L2F Q . 1.53 3.09 25.33
H3 L2F Q . 1.56 2.59 23.68
H6 L2F Q . 2.76 5.16 24.81
H7 L2F Q . 2.57 4.92 23.13
H13 L2F Q . 11.07 3.80 24.56
H14 L2F Q . 9.36 2.19 23.79
H21 L2F Q . 10.37 7.75 24.29
H22 L2F Q . 9.67 10.06 24.73
H L2F Q . 4.07 3.00 23.14
H25 L2F Q . 4.42 10.24 27.43
H1 L2F Q . 6.19 4.06 23.96
H19 L2F Q . 4.46 6.26 24.84
H18 L2F Q . 4.78 5.72 17.90
S DMS R . -27.16 8.20 19.77
O DMS R . -26.49 7.75 21.04
C1 DMS R . -28.16 6.84 19.10
C2 DMS R . -28.52 9.33 20.18
H11 DMS R . -27.52 6.06 18.77
H12 DMS R . -28.73 7.19 18.28
H13 DMS R . -28.81 6.47 19.85
H21 DMS R . -28.40 10.22 19.62
H22 DMS R . -28.49 9.56 21.21
H23 DMS R . -29.43 8.88 19.94
N1 L2F S . 24.70 -1.83 9.74
C4 L2F S . 24.81 -4.48 5.67
C5 L2F S . 23.05 -5.22 7.25
C6 L2F S . 22.34 -4.20 8.15
C7 L2F S . 23.22 -3.06 8.58
C8 L2F S . 24.11 -3.07 9.62
C10 L2F S . 24.47 0.32 8.48
C13 L2F S . 22.61 -1.12 6.96
C15 L2F S . 22.14 -6.40 6.93
C17 L2F S . 27.25 -0.71 6.71
C20 L2F S . 29.71 -1.82 7.46
C21 L2F S . 30.96 -2.39 7.82
C22 L2F S . 31.67 -3.12 6.92
C24 L2F S . 29.99 -2.82 5.25
C26 L2F S . 24.77 -3.27 1.99
N L2F S . 23.52 -4.59 6.02
C L2F S . 24.72 -6.21 1.60
O L2F S . 25.71 -5.09 6.25
C1 L2F S . 25.14 -5.60 2.92
C11 L2F S . 23.80 0.92 7.42
C12 L2F S . 22.89 0.21 6.67
C14 L2F S . 23.26 -1.74 8.02
C16 L2F S . 27.93 -1.48 5.82
C18 L2F S . 27.77 -0.49 7.99
C19 L2F S . 28.96 -1.03 8.35
C2 L2F S . 24.56 -4.21 3.18
C23 L2F S . 31.20 -3.34 5.63
C25 L2F S . 29.21 -2.06 6.15
C3 L2F S . 25.12 -3.59 4.47
C9 L2F S . 24.20 -1.00 8.77
N2 L2F S . 26.54 -3.31 4.34
O1 L2F S . 21.68 -7.04 8.09
O2 L2F S . 28.14 -1.80 3.26
O3 L2F S . 26.02 -0.93 4.15
S L2F S . 27.13 -1.81 4.27
HN1 L2F S . 25.39 -1.57 10.44
H2 L2F S . 23.95 -5.58 7.76
H9 L2F S . 21.94 -4.69 9.03
H10 L2F S . 21.48 -3.79 7.62
H11 L2F S . 24.36 -3.89 10.29
H12 L2F S . 25.19 0.89 9.08
H15 L2F S . 21.89 -1.68 6.36
H16 L2F S . 21.30 -6.08 6.30
H20 L2F S . 26.30 -0.26 6.47
H23 L2F S . 31.34 -2.22 8.82
H24 L2F S . 32.63 -3.56 7.21
H26 L2F S . 29.66 -3.03 4.23
H28 L2F S . 23.84 -3.05 1.46
H29 L2F S . 25.44 -3.69 1.24
H27 L2F S . 25.20 -2.32 2.27
H8 L2F S . 22.79 -4.23 5.41
H4 L2F S . 25.03 -7.25 1.49
H5 L2F S . 25.12 -5.69 0.74
H3 L2F S . 23.64 -6.21 1.46
H6 L2F S . 26.22 -5.58 2.96
H7 L2F S . 24.87 -6.29 3.72
H13 L2F S . 24.01 1.97 7.19
H14 L2F S . 22.38 0.70 5.84
H21 L2F S . 27.21 0.13 8.68
H22 L2F S . 29.34 -0.86 9.36
H L2F S . 23.48 -4.33 3.30
H25 L2F S . 31.79 -3.92 4.94
H1 L2F S . 24.61 -2.63 4.61
H19 L2F S . 27.08 -4.17 4.32
H18 L2F S . 22.34 -6.88 8.82
C1 PEG T . 11.95 -1.11 7.50
O1 PEG T . 12.28 0.22 7.16
C2 PEG T . 12.73 -2.09 6.69
O2 PEG T . 14.10 -2.00 7.01
C3 PEG T . 14.84 -3.16 6.66
C4 PEG T . 16.18 -2.77 6.10
O4 PEG T . 17.19 -3.67 6.50
H11 PEG T . 12.14 -1.28 8.56
H12 PEG T . 10.88 -1.27 7.35
HO1 PEG T . 13.00 0.19 6.46
H21 PEG T . 12.35 -3.11 6.87
H22 PEG T . 12.56 -1.91 5.63
H31 PEG T . 14.96 -3.80 7.55
H32 PEG T . 14.28 -3.76 5.95
H41 PEG T . 16.20 -2.76 5.01
H42 PEG T . 16.51 -1.79 6.43
HO4 PEG T . 17.22 -3.66 7.48
C1 PEG U . 13.80 -7.71 11.00
O1 PEG U . 13.32 -6.60 10.23
C2 PEG U . 15.09 -8.20 10.45
O2 PEG U . 16.14 -7.77 11.30
C3 PEG U . 17.24 -7.20 10.61
C4 PEG U . 16.91 -5.79 10.20
O4 PEG U . 17.09 -5.59 8.81
H11 PEG U . 13.92 -7.41 12.04
H12 PEG U . 13.07 -8.51 10.98
HO1 PEG U . 13.11 -6.94 9.33
H21 PEG U . 15.08 -9.29 10.37
H22 PEG U . 15.24 -7.83 9.44
H31 PEG U . 18.13 -7.21 11.23
H32 PEG U . 17.47 -7.79 9.73
H41 PEG U . 15.88 -5.50 10.40
H42 PEG U . 17.54 -5.04 10.67
HO4 PEG U . 16.80 -6.42 8.35
S DMS V . 44.34 -10.46 6.17
O DMS V . 43.09 -9.69 5.82
C1 DMS V . 44.51 -10.57 7.96
C2 DMS V . 44.13 -12.25 5.96
H11 DMS V . 44.44 -11.59 8.25
H12 DMS V . 43.73 -10.03 8.42
H13 DMS V . 45.44 -10.18 8.25
H21 DMS V . 45.04 -12.74 6.10
H22 DMS V . 43.76 -12.45 4.98
H23 DMS V . 43.42 -12.60 6.68
S DMS W . 6.86 -0.27 11.27
O DMS W . 6.25 0.95 11.87
C1 DMS W . 7.61 0.14 9.68
C2 DMS W . 8.37 -0.70 12.19
H11 DMS W . 6.92 0.70 9.09
H12 DMS W . 7.86 -0.75 9.16
H13 DMS W . 8.48 0.72 9.82
H21 DMS W . 8.12 -1.28 13.03
H22 DMS W . 8.86 0.18 12.50
H23 DMS W . 9.02 -1.25 11.56
#